data_6FBP
#
_entry.id   6FBP
#
_cell.length_a   62.090
_cell.length_b   102.871
_cell.length_c   108.170
_cell.angle_alpha   90.00
_cell.angle_beta   90.00
_cell.angle_gamma   90.00
#
_symmetry.space_group_name_H-M   'P 2 21 21'
#
loop_
_entity.id
_entity.type
_entity.pdbx_description
1 polymer 'S-adenosylmethionine synthase isoform type-2'
2 non-polymer 'TETRAETHYLENE GLYCOL'
3 non-polymer 'ACETATE ION'
4 non-polymer 1,2-ETHANEDIOL
5 non-polymer 'POTASSIUM ION'
6 non-polymer 'MAGNESIUM ION'
7 non-polymer '(DIPHOSPHONO)AMINOPHOSPHONIC ACID'
8 non-polymer ADENOSINE
9 water water
#
_entity_poly.entity_id   1
_entity_poly.type   'polypeptide(L)'
_entity_poly.pdbx_seq_one_letter_code
;MNGQLNGFHEAFIEEGTFLFTSESVGEGHPDKICDQISDAVLDAHLQQDPDAKVACETVAKTGMILLAGEITSRAAVDYQ
KVVREAVKHIGYDDSSKGFDYKTCNVLVALEQQAPDIAQGVHLDRNEEDIGAGDQGLMFGYATDETEECMPLTIVLAHKL
NAKLAELRRNGTLPWLRPDSKTQVTVQYMQDRGAVLPIRVHTIVISVQHDEEVCLDEMRDALKEKVIKAVVPAKYLDEDT
IYHLQPSGRFVIGGPQGDAGLTGRKIIVDTYGGWGAHGGGAFSGKDYTKVDRSAAYAARWVAKSLVKGGLCRRVLVQVSY
AIGVSHPLSISIFHYGTSQKSERELLEIVKKNFDLRPGVIVRDLDLKKPIYQRTAAYGHFGRDSFPWEVPKKLKY
;
_entity_poly.pdbx_strand_id   A,B
#
loop_
_chem_comp.id
_chem_comp.type
_chem_comp.name
_chem_comp.formula
ACT non-polymer 'ACETATE ION' 'C2 H3 O2 -1'
ADN non-polymer ADENOSINE 'C10 H13 N5 O4'
EDO non-polymer 1,2-ETHANEDIOL 'C2 H6 O2'
K non-polymer 'POTASSIUM ION' 'K 1'
MG non-polymer 'MAGNESIUM ION' 'Mg 2'
PG4 non-polymer 'TETRAETHYLENE GLYCOL' 'C8 H18 O5'
PPK non-polymer '(DIPHOSPHONO)AMINOPHOSPHONIC ACID' 'H6 N O9 P3'
#
# COMPACT_ATOMS: atom_id res chain seq x y z
N GLY A 16 -2.81 -29.17 -5.12
CA GLY A 16 -2.48 -28.27 -3.94
C GLY A 16 -1.39 -27.22 -4.18
N THR A 17 -0.60 -27.39 -5.24
CA THR A 17 0.58 -26.55 -5.54
C THR A 17 0.28 -25.21 -6.20
N PHE A 18 1.20 -24.26 -6.03
CA PHE A 18 1.03 -22.96 -6.64
C PHE A 18 2.39 -22.28 -6.77
N LEU A 19 2.47 -21.29 -7.65
CA LEU A 19 3.63 -20.43 -7.74
C LEU A 19 3.32 -19.18 -6.92
N PHE A 20 4.35 -18.55 -6.41
CA PHE A 20 4.17 -17.20 -5.74
C PHE A 20 5.43 -16.41 -6.07
N THR A 21 5.26 -15.12 -6.27
CA THR A 21 6.31 -14.21 -6.66
C THR A 21 6.33 -13.07 -5.69
N SER A 22 7.49 -12.71 -5.18
CA SER A 22 7.66 -11.42 -4.50
C SER A 22 8.72 -10.59 -5.18
N GLU A 23 8.60 -9.29 -5.00
CA GLU A 23 9.55 -8.28 -5.53
C GLU A 23 10.31 -7.65 -4.38
N SER A 24 11.47 -7.17 -4.69
CA SER A 24 12.15 -6.21 -3.84
C SER A 24 12.90 -5.24 -4.70
N VAL A 25 13.19 -4.07 -4.18
CA VAL A 25 13.94 -3.05 -4.95
C VAL A 25 15.11 -2.59 -4.16
N GLY A 26 16.15 -2.14 -4.86
CA GLY A 26 17.35 -1.64 -4.20
C GLY A 26 17.24 -0.23 -3.62
N GLU A 27 18.30 0.22 -2.96
CA GLU A 27 18.27 1.53 -2.30
C GLU A 27 18.11 2.70 -3.28
N GLY A 28 18.52 2.48 -4.53
CA GLY A 28 18.43 3.49 -5.61
C GLY A 28 17.13 3.54 -6.35
N HIS A 29 16.22 2.62 -6.10
CA HIS A 29 14.89 2.72 -6.67
C HIS A 29 14.24 4.02 -6.15
N PRO A 30 13.61 4.80 -7.03
CA PRO A 30 13.17 6.11 -6.53
C PRO A 30 12.21 6.12 -5.33
N ASP A 31 11.33 5.12 -5.23
CA ASP A 31 10.45 4.98 -4.08
C ASP A 31 11.26 4.69 -2.82
N LYS A 32 12.25 3.81 -2.96
CA LYS A 32 13.07 3.47 -1.82
C LYS A 32 14.02 4.58 -1.37
N ILE A 33 14.51 5.37 -2.31
CA ILE A 33 15.26 6.58 -1.94
C ILE A 33 14.45 7.42 -0.94
N CYS A 34 13.17 7.59 -1.29
CA CYS A 34 12.25 8.39 -0.51
C CYS A 34 12.01 7.78 0.87
N ASP A 35 11.81 6.45 0.97
CA ASP A 35 11.68 5.82 2.30
C ASP A 35 12.92 6.04 3.17
N GLN A 36 14.09 5.86 2.55
CA GLN A 36 15.35 5.99 3.28
C GLN A 36 15.63 7.42 3.77
N ILE A 37 15.31 8.40 2.92
CA ILE A 37 15.46 9.81 3.28
C ILE A 37 14.49 10.19 4.41
N SER A 38 13.27 9.76 4.26
CA SER A 38 12.24 9.94 5.29
C SER A 38 12.73 9.42 6.65
N ASP A 39 13.34 8.25 6.66
CA ASP A 39 13.82 7.65 7.90
C ASP A 39 15.14 8.26 8.38
N ALA A 40 15.97 8.75 7.46
CA ALA A 40 17.17 9.55 7.86
C ALA A 40 16.71 10.79 8.61
N VAL A 41 15.66 11.45 8.10
CA VAL A 41 15.10 12.65 8.76
C VAL A 41 14.50 12.29 10.14
N LEU A 42 13.73 11.22 10.17
CA LEU A 42 13.26 10.71 11.47
C LEU A 42 14.39 10.44 12.50
N ASP A 43 15.40 9.70 12.09
CA ASP A 43 16.52 9.37 12.97
C ASP A 43 17.29 10.64 13.43
N ALA A 44 17.43 11.62 12.54
CA ALA A 44 18.06 12.88 12.94
C ALA A 44 17.32 13.57 14.01
N HIS A 45 15.97 13.56 13.94
CA HIS A 45 15.19 14.17 14.99
C HIS A 45 15.35 13.40 16.32
N LEU A 46 15.18 12.08 16.23
CA LEU A 46 15.24 11.20 17.38
C LEU A 46 16.60 11.21 18.10
N GLN A 47 17.69 11.45 17.39
CA GLN A 47 19.01 11.54 18.02
C GLN A 47 19.08 12.70 19.05
N GLN A 48 18.37 13.78 18.79
CA GLN A 48 18.29 14.96 19.66
C GLN A 48 17.06 15.03 20.52
N ASP A 49 15.92 14.52 20.04
CA ASP A 49 14.67 14.57 20.77
C ASP A 49 13.95 13.22 20.62
N PRO A 50 14.13 12.33 21.62
CA PRO A 50 13.44 11.06 21.60
C PRO A 50 11.93 11.11 21.45
N ASP A 51 11.31 12.22 21.86
CA ASP A 51 9.85 12.43 21.76
C ASP A 51 9.35 13.21 20.52
N ALA A 52 10.24 13.38 19.54
CA ALA A 52 9.88 14.11 18.36
C ALA A 52 8.68 13.40 17.67
N LYS A 53 7.74 14.20 17.20
CA LYS A 53 6.65 13.75 16.38
C LYS A 53 7.08 14.04 14.97
N VAL A 54 7.11 13.01 14.12
CA VAL A 54 7.59 13.17 12.76
C VAL A 54 6.62 12.50 11.79
N ALA A 55 6.31 13.20 10.71
CA ALA A 55 5.50 12.67 9.59
C ALA A 55 6.11 13.21 8.31
N CYS A 56 7.25 12.68 7.94
CA CYS A 56 8.05 13.26 6.86
C CYS A 56 7.89 12.44 5.59
N GLU A 57 7.22 13.00 4.58
CA GLU A 57 7.08 12.36 3.28
C GLU A 57 8.17 12.93 2.38
N THR A 58 8.76 12.08 1.53
CA THR A 58 9.77 12.50 0.59
C THR A 58 9.25 12.18 -0.84
N VAL A 59 9.58 13.08 -1.76
CA VAL A 59 9.31 13.01 -3.18
C VAL A 59 10.66 13.11 -3.91
N ALA A 60 10.89 12.19 -4.85
CA ALA A 60 12.08 12.21 -5.68
C ALA A 60 11.71 12.20 -7.15
N LYS A 61 12.37 13.03 -7.93
CA LYS A 61 12.15 13.02 -9.40
C LYS A 61 13.40 13.62 -10.01
N THR A 62 13.45 13.80 -11.33
CA THR A 62 14.65 14.38 -11.97
C THR A 62 15.18 15.55 -11.18
N GLY A 63 16.45 15.43 -10.75
CA GLY A 63 17.14 16.48 -10.02
C GLY A 63 16.53 17.06 -8.75
N MET A 64 15.59 16.38 -8.11
CA MET A 64 14.91 16.93 -6.95
C MET A 64 14.57 15.91 -5.86
N ILE A 65 14.78 16.36 -4.59
CA ILE A 65 14.22 15.73 -3.43
C ILE A 65 13.38 16.83 -2.75
N LEU A 66 12.12 16.54 -2.48
CA LEU A 66 11.28 17.40 -1.70
C LEU A 66 10.79 16.68 -0.45
N LEU A 67 10.86 17.38 0.69
CA LEU A 67 10.31 16.93 1.96
C LEU A 67 9.03 17.71 2.24
N ALA A 68 7.97 17.00 2.59
CA ALA A 68 6.71 17.61 2.93
C ALA A 68 6.08 16.86 4.11
N GLY A 69 5.50 17.59 5.07
CA GLY A 69 4.91 16.96 6.22
C GLY A 69 4.99 17.77 7.46
N GLU A 70 4.87 17.09 8.59
CA GLU A 70 4.63 17.74 9.83
C GLU A 70 5.59 17.18 10.87
N ILE A 71 6.24 18.07 11.60
CA ILE A 71 7.21 17.67 12.60
C ILE A 71 7.12 18.68 13.73
N THR A 72 6.95 18.16 14.94
CA THR A 72 7.12 18.94 16.16
C THR A 72 8.19 18.28 17.07
N SER A 73 9.27 19.03 17.25
CA SER A 73 10.50 18.51 17.71
C SER A 73 11.31 19.62 18.30
N ARG A 74 12.02 19.28 19.36
CA ARG A 74 13.04 20.17 19.94
C ARG A 74 14.37 20.12 19.19
N ALA A 75 14.55 19.19 18.26
CA ALA A 75 15.83 19.02 17.54
C ALA A 75 16.08 20.23 16.57
N ALA A 76 17.33 20.49 16.25
CA ALA A 76 17.68 21.41 15.22
C ALA A 76 18.37 20.56 14.18
N VAL A 77 17.66 20.34 13.06
CA VAL A 77 18.07 19.46 12.03
C VAL A 77 18.38 20.24 10.75
N ASP A 78 19.53 19.94 10.20
CA ASP A 78 19.97 20.51 8.92
C ASP A 78 19.46 19.62 7.81
N TYR A 79 18.35 19.99 7.22
CA TYR A 79 17.68 19.12 6.25
C TYR A 79 18.51 18.95 4.97
N GLN A 80 19.14 20.04 4.49
CA GLN A 80 20.03 19.93 3.31
C GLN A 80 21.10 18.88 3.54
N LYS A 81 21.76 18.91 4.71
CA LYS A 81 22.84 17.99 4.97
C LYS A 81 22.31 16.56 5.11
N VAL A 82 21.21 16.39 5.86
CA VAL A 82 20.63 15.07 6.07
C VAL A 82 20.23 14.45 4.74
N VAL A 83 19.56 15.21 3.87
CA VAL A 83 19.11 14.70 2.58
C VAL A 83 20.33 14.32 1.69
N ARG A 84 21.24 15.26 1.56
CA ARG A 84 22.38 15.10 0.66
C ARG A 84 23.25 13.96 1.11
N GLU A 85 23.48 13.87 2.40
CA GLU A 85 24.28 12.75 2.94
C GLU A 85 23.60 11.41 2.74
N ALA A 86 22.28 11.37 2.84
CA ALA A 86 21.59 10.15 2.56
C ALA A 86 21.67 9.77 1.05
N VAL A 87 21.53 10.75 0.16
CA VAL A 87 21.70 10.50 -1.26
C VAL A 87 23.16 9.99 -1.57
N LYS A 88 24.14 10.64 -0.97
CA LYS A 88 25.55 10.17 -1.05
C LYS A 88 25.69 8.75 -0.57
N HIS A 89 25.11 8.44 0.58
CA HIS A 89 25.13 7.06 1.14
C HIS A 89 24.51 6.03 0.19
N ILE A 90 23.39 6.38 -0.41
CA ILE A 90 22.75 5.53 -1.40
C ILE A 90 23.69 5.26 -2.59
N GLY A 91 24.50 6.25 -2.96
CA GLY A 91 25.53 6.14 -3.99
C GLY A 91 25.38 7.04 -5.21
N TYR A 92 24.51 8.05 -5.14
CA TYR A 92 24.32 8.99 -6.28
C TYR A 92 25.20 10.23 -6.12
N ASP A 93 26.30 10.26 -6.89
CA ASP A 93 27.28 11.35 -6.79
C ASP A 93 27.78 11.80 -8.13
N ASP A 94 26.98 11.65 -9.17
CA ASP A 94 27.42 12.05 -10.50
C ASP A 94 26.27 12.06 -11.48
N SER A 95 26.28 13.03 -12.44
CA SER A 95 25.35 13.09 -13.56
C SER A 95 25.28 11.81 -14.35
N SER A 96 26.41 11.15 -14.52
CA SER A 96 26.44 9.89 -15.29
C SER A 96 25.58 8.81 -14.67
N LYS A 97 25.35 8.88 -13.36
CA LYS A 97 24.48 7.91 -12.68
C LYS A 97 23.01 8.31 -12.72
N GLY A 98 22.72 9.56 -13.12
CA GLY A 98 21.33 10.05 -13.15
C GLY A 98 21.01 10.97 -11.99
N PHE A 99 21.91 11.14 -11.01
CA PHE A 99 21.57 11.92 -9.82
C PHE A 99 22.85 12.16 -9.04
N ASP A 100 22.95 13.35 -8.41
CA ASP A 100 24.13 13.70 -7.66
C ASP A 100 23.74 14.47 -6.41
N TYR A 101 24.09 13.95 -5.26
CA TYR A 101 23.78 14.63 -3.99
C TYR A 101 24.36 16.04 -3.90
N LYS A 102 25.48 16.31 -4.58
CA LYS A 102 26.12 17.60 -4.52
C LYS A 102 25.34 18.70 -5.20
N THR A 103 24.64 18.36 -6.29
CA THR A 103 24.06 19.36 -7.18
C THR A 103 22.57 19.24 -7.40
N CYS A 104 21.91 18.29 -6.73
CA CYS A 104 20.46 18.17 -6.87
C CYS A 104 19.77 19.28 -6.05
N ASN A 105 18.52 19.52 -6.39
CA ASN A 105 17.64 20.43 -5.70
C ASN A 105 17.03 19.76 -4.49
N VAL A 106 17.10 20.40 -3.34
CA VAL A 106 16.46 19.90 -2.11
C VAL A 106 15.52 21.04 -1.64
N LEU A 107 14.24 20.72 -1.58
CA LEU A 107 13.17 21.64 -1.18
C LEU A 107 12.54 21.10 0.02
N VAL A 108 12.25 21.98 0.96
CA VAL A 108 11.71 21.59 2.25
C VAL A 108 10.43 22.31 2.58
N ALA A 109 9.36 21.56 2.88
CA ALA A 109 8.04 22.08 3.21
C ALA A 109 7.56 21.34 4.47
N LEU A 110 8.32 21.47 5.55
CA LEU A 110 8.01 20.81 6.79
C LEU A 110 7.48 21.81 7.78
N GLU A 111 6.28 21.55 8.28
CA GLU A 111 5.63 22.42 9.29
C GLU A 111 5.43 21.69 10.62
N GLN A 112 4.88 22.40 11.60
CA GLN A 112 4.51 21.82 12.87
C GLN A 112 3.30 20.87 12.73
N GLN A 113 3.23 19.90 13.63
CA GLN A 113 2.06 18.98 13.66
C GLN A 113 0.89 19.84 14.04
N ALA A 114 -0.27 19.60 13.39
CA ALA A 114 -1.50 20.38 13.65
C ALA A 114 -1.84 20.35 15.15
N PRO A 115 -2.18 21.51 15.75
CA PRO A 115 -2.53 21.49 17.20
C PRO A 115 -3.79 20.62 17.49
N ASP A 116 -4.71 20.56 16.52
CA ASP A 116 -5.92 19.70 16.65
C ASP A 116 -5.53 18.22 16.86
N ILE A 117 -4.49 17.79 16.14
CA ILE A 117 -3.94 16.42 16.25
C ILE A 117 -3.18 16.24 17.55
N ALA A 118 -2.22 17.15 17.81
CA ALA A 118 -1.42 17.10 19.03
C ALA A 118 -2.33 17.01 20.27
N GLN A 119 -3.33 17.90 20.33
CA GLN A 119 -4.23 17.94 21.52
C GLN A 119 -4.98 16.63 21.65
N GLY A 120 -5.41 16.07 20.51
CA GLY A 120 -6.24 14.87 20.47
C GLY A 120 -5.53 13.58 20.80
N VAL A 121 -4.20 13.54 20.66
CA VAL A 121 -3.42 12.31 20.73
C VAL A 121 -2.54 12.26 21.99
N HIS A 122 -1.62 13.22 22.12
CA HIS A 122 -0.51 13.06 23.07
C HIS A 122 -0.34 14.12 24.13
N LEU A 123 -0.87 15.34 23.90
CA LEU A 123 -0.68 16.45 24.86
C LEU A 123 -1.33 16.17 26.24
N ASP A 124 -0.56 16.43 27.30
CA ASP A 124 -0.98 16.30 28.70
C ASP A 124 -1.40 14.90 29.13
N ARG A 125 -0.89 13.88 28.44
CA ARG A 125 -1.21 12.48 28.80
C ARG A 125 0.04 11.76 29.32
N ASN A 126 -0.14 10.83 30.25
CA ASN A 126 0.94 9.91 30.67
C ASN A 126 1.30 9.00 29.50
N GLU A 127 2.56 8.55 29.45
CA GLU A 127 3.08 7.89 28.24
C GLU A 127 2.23 6.66 27.84
N GLU A 128 1.91 5.80 28.80
CA GLU A 128 1.14 4.58 28.47
C GLU A 128 -0.26 4.86 27.91
N ASP A 129 -0.84 6.04 28.22
CA ASP A 129 -2.18 6.45 27.81
C ASP A 129 -2.22 7.30 26.53
N ILE A 130 -1.08 7.45 25.85
CA ILE A 130 -1.04 8.26 24.63
C ILE A 130 -1.99 7.63 23.60
N GLY A 131 -2.76 8.44 22.90
CA GLY A 131 -3.72 7.97 21.93
C GLY A 131 -2.98 7.55 20.68
N ALA A 132 -3.58 6.65 19.93
CA ALA A 132 -3.09 6.34 18.60
C ALA A 132 -2.98 7.62 17.79
N GLY A 133 -1.92 7.80 17.03
CA GLY A 133 -1.79 8.99 16.17
C GLY A 133 -2.75 9.12 15.01
N ASP A 134 -3.49 8.05 14.73
CA ASP A 134 -4.43 8.02 13.62
C ASP A 134 -5.28 6.78 13.82
N GLN A 135 -6.40 6.69 13.11
CA GLN A 135 -7.12 5.45 12.98
C GLN A 135 -6.29 4.57 12.02
N GLY A 136 -6.68 3.30 11.95
CA GLY A 136 -6.26 2.40 10.87
C GLY A 136 -6.20 0.99 11.29
N LEU A 137 -5.88 0.13 10.34
CA LEU A 137 -5.75 -1.29 10.55
C LEU A 137 -4.35 -1.72 10.16
N MET A 138 -3.84 -2.75 10.81
CA MET A 138 -2.48 -3.24 10.62
C MET A 138 -2.45 -4.75 10.76
N PHE A 139 -1.57 -5.37 9.99
CA PHE A 139 -1.37 -6.82 10.05
C PHE A 139 0.03 -7.22 10.32
N GLY A 140 0.13 -8.35 11.03
CA GLY A 140 1.35 -9.09 11.29
C GLY A 140 1.22 -10.48 10.69
N TYR A 141 2.33 -11.02 10.26
CA TYR A 141 2.38 -12.34 9.63
C TYR A 141 3.65 -13.05 9.96
N ALA A 142 3.55 -14.36 10.09
CA ALA A 142 4.75 -15.18 10.26
C ALA A 142 4.49 -16.55 9.70
N THR A 143 5.57 -17.21 9.28
CA THR A 143 5.49 -18.51 8.64
C THR A 143 6.76 -19.31 8.96
N ASP A 144 6.57 -20.57 9.31
CA ASP A 144 7.73 -21.40 9.71
C ASP A 144 8.60 -21.86 8.52
N GLU A 145 8.30 -21.45 7.27
CA GLU A 145 9.04 -21.94 6.10
C GLU A 145 10.54 -21.49 6.03
N THR A 146 10.92 -20.45 6.79
CA THR A 146 12.31 -20.05 6.93
C THR A 146 12.63 -19.83 8.39
N GLU A 147 13.91 -19.79 8.73
CA GLU A 147 14.35 -19.51 10.10
C GLU A 147 14.01 -18.07 10.53
N GLU A 148 14.05 -17.15 9.58
CA GLU A 148 13.54 -15.79 9.83
C GLU A 148 11.99 -15.66 9.96
N CYS A 149 11.26 -16.74 9.78
CA CYS A 149 9.84 -16.77 9.96
C CYS A 149 9.13 -15.87 8.92
N MET A 150 9.74 -15.80 7.72
CA MET A 150 9.25 -14.99 6.61
C MET A 150 9.03 -15.82 5.40
N PRO A 151 8.20 -15.32 4.49
CA PRO A 151 8.05 -16.07 3.20
C PRO A 151 9.38 -16.15 2.48
N LEU A 152 9.68 -17.30 1.89
CA LEU A 152 10.96 -17.44 1.19
C LEU A 152 11.11 -16.52 -0.01
N THR A 153 10.01 -16.27 -0.71
CA THR A 153 10.05 -15.38 -1.87
C THR A 153 10.59 -14.00 -1.51
N ILE A 154 10.07 -13.40 -0.43
CA ILE A 154 10.47 -12.04 -0.05
C ILE A 154 11.84 -12.03 0.65
N VAL A 155 12.14 -13.08 1.41
CA VAL A 155 13.52 -13.21 1.96
C VAL A 155 14.55 -13.21 0.84
N LEU A 156 14.36 -14.06 -0.16
CA LEU A 156 15.32 -14.12 -1.27
C LEU A 156 15.38 -12.84 -2.10
N ALA A 157 14.24 -12.24 -2.41
CA ALA A 157 14.24 -10.99 -3.11
C ALA A 157 15.01 -9.88 -2.37
N HIS A 158 14.77 -9.72 -1.08
CA HIS A 158 15.51 -8.76 -0.30
C HIS A 158 17.00 -9.09 -0.21
N LYS A 159 17.36 -10.34 0.07
CA LYS A 159 18.75 -10.71 0.17
C LYS A 159 19.56 -10.49 -1.13
N LEU A 160 18.93 -10.74 -2.28
CA LEU A 160 19.55 -10.46 -3.55
C LEU A 160 19.85 -8.96 -3.70
N ASN A 161 18.90 -8.07 -3.34
CA ASN A 161 19.21 -6.63 -3.41
C ASN A 161 20.28 -6.23 -2.39
N ALA A 162 20.24 -6.79 -1.18
CA ALA A 162 21.27 -6.47 -0.18
C ALA A 162 22.64 -6.89 -0.63
N LYS A 163 22.72 -8.07 -1.24
CA LYS A 163 24.04 -8.60 -1.71
C LYS A 163 24.58 -7.70 -2.84
N LEU A 164 23.72 -7.27 -3.77
CA LEU A 164 24.12 -6.24 -4.76
C LEU A 164 24.72 -5.00 -4.09
N ALA A 165 24.06 -4.45 -3.09
CA ALA A 165 24.58 -3.21 -2.46
C ALA A 165 25.86 -3.49 -1.71
N GLU A 166 25.94 -4.64 -1.07
CA GLU A 166 27.18 -5.04 -0.34
C GLU A 166 28.40 -5.10 -1.31
N LEU A 167 28.22 -5.84 -2.40
CA LEU A 167 29.30 -5.99 -3.39
C LEU A 167 29.63 -4.72 -4.12
N ARG A 168 28.63 -3.83 -4.25
CA ARG A 168 28.84 -2.53 -4.84
C ARG A 168 29.69 -1.67 -3.92
N ARG A 169 29.32 -1.62 -2.65
CA ARG A 169 29.98 -0.73 -1.70
C ARG A 169 31.41 -1.19 -1.27
N ASN A 170 31.63 -2.48 -1.20
CA ASN A 170 33.00 -2.96 -0.88
C ASN A 170 33.92 -3.10 -2.09
N GLY A 171 33.45 -2.83 -3.29
CA GLY A 171 34.31 -2.89 -4.49
C GLY A 171 34.57 -4.26 -5.07
N THR A 172 33.79 -5.27 -4.67
CA THR A 172 33.82 -6.56 -5.31
C THR A 172 33.31 -6.47 -6.77
N LEU A 173 32.25 -5.72 -7.04
CA LEU A 173 31.72 -5.53 -8.40
C LEU A 173 31.55 -4.02 -8.54
N PRO A 174 32.64 -3.33 -8.88
CA PRO A 174 32.62 -1.89 -8.82
C PRO A 174 31.75 -1.22 -9.87
N TRP A 175 31.40 -1.94 -10.95
CA TRP A 175 30.50 -1.41 -11.93
C TRP A 175 29.05 -1.27 -11.44
N LEU A 176 28.69 -1.87 -10.30
CA LEU A 176 27.30 -1.78 -9.83
C LEU A 176 26.93 -0.34 -9.42
N ARG A 177 25.69 0.01 -9.71
CA ARG A 177 25.10 1.27 -9.29
C ARG A 177 23.85 1.01 -8.42
N PRO A 178 23.29 2.08 -7.81
CA PRO A 178 22.35 1.82 -6.70
C PRO A 178 20.98 1.29 -7.03
N ASP A 179 20.45 1.59 -8.23
CA ASP A 179 19.10 1.15 -8.58
C ASP A 179 19.03 -0.32 -8.95
N SER A 180 18.05 -1.05 -8.38
CA SER A 180 17.93 -2.45 -8.69
C SER A 180 16.52 -2.89 -8.43
N LYS A 181 16.12 -3.98 -9.06
CA LYS A 181 14.85 -4.63 -8.76
C LYS A 181 15.04 -6.15 -8.91
N THR A 182 14.45 -6.91 -8.00
CA THR A 182 14.54 -8.35 -8.11
C THR A 182 13.11 -8.95 -7.96
N GLN A 183 12.84 -10.04 -8.66
CA GLN A 183 11.57 -10.78 -8.50
C GLN A 183 11.90 -12.25 -8.39
N VAL A 184 11.36 -12.90 -7.36
CA VAL A 184 11.67 -14.31 -7.10
C VAL A 184 10.35 -15.07 -7.10
N THR A 185 10.22 -16.01 -8.04
CA THR A 185 9.07 -16.92 -8.10
C THR A 185 9.47 -18.27 -7.50
N VAL A 186 8.73 -18.71 -6.47
CA VAL A 186 8.95 -20.01 -5.82
C VAL A 186 7.72 -20.93 -6.06
N GLN A 187 7.97 -22.21 -6.39
CA GLN A 187 6.91 -23.24 -6.43
C GLN A 187 6.73 -23.83 -5.03
N TYR A 188 5.47 -23.82 -4.58
CA TYR A 188 5.08 -24.28 -3.24
C TYR A 188 4.12 -25.49 -3.30
N MET A 189 4.23 -26.29 -2.28
CA MET A 189 3.23 -27.27 -1.87
C MET A 189 2.56 -26.72 -0.60
N GLN A 190 1.39 -27.27 -0.27
CA GLN A 190 0.70 -26.98 0.97
C GLN A 190 0.75 -28.19 1.89
N ASP A 191 0.75 -27.92 3.19
CA ASP A 191 0.77 -28.97 4.19
C ASP A 191 -0.09 -28.52 5.36
N ARG A 192 -1.37 -28.91 5.34
CA ARG A 192 -2.31 -28.66 6.44
C ARG A 192 -2.33 -27.19 6.84
N GLY A 193 -2.49 -26.35 5.81
CA GLY A 193 -2.41 -24.89 5.94
C GLY A 193 -1.08 -24.18 5.98
N ALA A 194 0.01 -24.90 6.25
CA ALA A 194 1.36 -24.40 6.05
C ALA A 194 1.75 -24.40 4.59
N VAL A 195 2.79 -23.66 4.25
CA VAL A 195 3.31 -23.66 2.90
C VAL A 195 4.76 -24.12 2.91
N LEU A 196 5.07 -24.96 1.94
CA LEU A 196 6.37 -25.62 1.82
C LEU A 196 7.02 -25.22 0.51
N PRO A 197 8.01 -24.34 0.57
CA PRO A 197 8.71 -24.02 -0.67
C PRO A 197 9.56 -25.19 -1.18
N ILE A 198 9.43 -25.47 -2.46
CA ILE A 198 10.11 -26.62 -3.08
C ILE A 198 11.25 -26.23 -3.97
N ARG A 199 11.03 -25.23 -4.80
CA ARG A 199 12.05 -24.84 -5.76
C ARG A 199 11.87 -23.42 -6.19
N VAL A 200 12.96 -22.80 -6.60
CA VAL A 200 12.91 -21.50 -7.20
C VAL A 200 12.59 -21.72 -8.67
N HIS A 201 11.47 -21.20 -9.12
CA HIS A 201 11.03 -21.26 -10.47
C HIS A 201 11.75 -20.24 -11.39
N THR A 202 11.79 -18.96 -10.98
CA THR A 202 12.36 -17.86 -11.76
C THR A 202 12.99 -16.85 -10.83
N ILE A 203 14.15 -16.30 -11.23
CA ILE A 203 14.78 -15.17 -10.56
C ILE A 203 14.99 -14.15 -11.64
N VAL A 204 14.46 -12.94 -11.39
CA VAL A 204 14.69 -11.79 -12.21
C VAL A 204 15.55 -10.81 -11.42
N ILE A 205 16.63 -10.35 -12.03
CA ILE A 205 17.45 -9.31 -11.44
C ILE A 205 17.77 -8.26 -12.50
N SER A 206 17.41 -7.01 -12.23
CA SER A 206 17.85 -5.84 -13.02
C SER A 206 18.61 -4.94 -12.11
N VAL A 207 19.80 -4.50 -12.52
CA VAL A 207 20.58 -3.62 -11.69
C VAL A 207 21.30 -2.58 -12.51
N GLN A 208 21.29 -1.34 -11.99
CA GLN A 208 21.98 -0.24 -12.62
C GLN A 208 23.46 -0.48 -12.67
N HIS A 209 24.14 0.04 -13.69
CA HIS A 209 25.57 -0.23 -13.83
C HIS A 209 26.33 0.88 -14.57
N ASP A 210 27.61 0.89 -14.35
CA ASP A 210 28.52 1.78 -15.06
CA ASP A 210 28.53 1.77 -15.08
C ASP A 210 28.55 1.42 -16.56
N GLU A 211 28.88 2.40 -17.38
CA GLU A 211 28.91 2.18 -18.81
C GLU A 211 30.01 1.12 -19.14
N GLU A 212 31.08 1.09 -18.33
CA GLU A 212 32.29 0.31 -18.65
C GLU A 212 32.23 -1.17 -18.25
N VAL A 213 31.14 -1.87 -18.56
CA VAL A 213 31.06 -3.29 -18.39
C VAL A 213 30.06 -3.84 -19.44
N CYS A 214 30.28 -5.05 -19.96
CA CYS A 214 29.31 -5.68 -20.90
C CYS A 214 28.31 -6.55 -20.18
N LEU A 215 27.20 -6.81 -20.88
CA LEU A 215 26.11 -7.63 -20.35
C LEU A 215 26.53 -9.02 -20.02
N ASP A 216 27.44 -9.60 -20.81
CA ASP A 216 27.81 -11.01 -20.54
C ASP A 216 28.48 -11.10 -19.23
N GLU A 217 29.38 -10.18 -18.94
CA GLU A 217 30.11 -10.18 -17.69
C GLU A 217 29.15 -9.91 -16.50
N MET A 218 28.23 -8.98 -16.69
CA MET A 218 27.25 -8.70 -15.63
C MET A 218 26.38 -9.91 -15.30
N ARG A 219 25.88 -10.56 -16.35
CA ARG A 219 24.99 -11.70 -16.18
C ARG A 219 25.68 -12.84 -15.48
N ASP A 220 26.93 -13.11 -15.88
CA ASP A 220 27.73 -14.11 -15.19
C ASP A 220 27.92 -13.75 -13.71
N ALA A 221 28.26 -12.50 -13.43
CA ALA A 221 28.46 -12.10 -12.04
C ALA A 221 27.18 -12.24 -11.21
N LEU A 222 26.06 -11.85 -11.81
CA LEU A 222 24.78 -11.93 -11.10
C LEU A 222 24.45 -13.35 -10.69
N LYS A 223 24.76 -14.30 -11.58
CA LYS A 223 24.49 -15.72 -11.27
C LYS A 223 25.48 -16.22 -10.24
N GLU A 224 26.75 -15.96 -10.45
CA GLU A 224 27.78 -16.61 -9.65
C GLU A 224 28.10 -15.92 -8.32
N LYS A 225 28.11 -14.59 -8.29
CA LYS A 225 28.48 -13.85 -7.06
C LYS A 225 27.29 -13.36 -6.23
N VAL A 226 26.12 -13.30 -6.85
CA VAL A 226 24.91 -12.78 -6.19
C VAL A 226 23.96 -13.93 -5.93
N ILE A 227 23.39 -14.55 -6.97
CA ILE A 227 22.40 -15.62 -6.76
C ILE A 227 22.97 -16.82 -5.97
N LYS A 228 24.14 -17.32 -6.35
CA LYS A 228 24.74 -18.47 -5.66
C LYS A 228 25.22 -18.16 -4.26
N ALA A 229 25.48 -16.91 -3.96
CA ALA A 229 25.86 -16.52 -2.63
C ALA A 229 24.66 -16.43 -1.69
N VAL A 230 23.48 -16.29 -2.25
CA VAL A 230 22.32 -15.94 -1.48
C VAL A 230 21.25 -17.03 -1.45
N VAL A 231 20.98 -17.71 -2.55
CA VAL A 231 19.90 -18.65 -2.62
C VAL A 231 20.42 -20.05 -2.30
N PRO A 232 19.79 -20.75 -1.31
CA PRO A 232 20.25 -22.13 -1.04
C PRO A 232 20.20 -23.03 -2.26
N ALA A 233 21.31 -23.76 -2.48
CA ALA A 233 21.48 -24.60 -3.66
C ALA A 233 20.33 -25.57 -3.84
N LYS A 234 19.75 -26.05 -2.73
CA LYS A 234 18.61 -27.00 -2.84
C LYS A 234 17.45 -26.51 -3.66
N TYR A 235 17.25 -25.20 -3.70
CA TYR A 235 16.07 -24.63 -4.41
C TYR A 235 16.35 -24.34 -5.86
N LEU A 236 17.61 -24.40 -6.27
CA LEU A 236 18.02 -24.09 -7.65
C LEU A 236 18.16 -25.41 -8.41
N ASP A 237 17.55 -25.48 -9.57
CA ASP A 237 17.68 -26.69 -10.37
C ASP A 237 17.78 -26.38 -11.85
N GLU A 238 17.83 -27.44 -12.66
CA GLU A 238 18.11 -27.31 -14.09
C GLU A 238 17.09 -26.46 -14.79
N ASP A 239 15.85 -26.44 -14.29
CA ASP A 239 14.78 -25.69 -14.93
C ASP A 239 14.53 -24.29 -14.35
N THR A 240 15.25 -23.90 -13.30
CA THR A 240 15.17 -22.55 -12.79
C THR A 240 15.46 -21.56 -13.93
N ILE A 241 14.56 -20.59 -14.12
CA ILE A 241 14.68 -19.57 -15.15
C ILE A 241 15.38 -18.34 -14.58
N TYR A 242 16.45 -17.89 -15.25
CA TYR A 242 17.18 -16.72 -14.86
C TYR A 242 16.95 -15.61 -15.87
N HIS A 243 16.35 -14.50 -15.44
CA HIS A 243 16.24 -13.31 -16.29
C HIS A 243 17.14 -12.24 -15.64
N LEU A 244 18.39 -12.16 -16.12
CA LEU A 244 19.40 -11.27 -15.57
C LEU A 244 19.65 -10.16 -16.58
N GLN A 245 19.48 -8.91 -16.15
CA GLN A 245 19.40 -7.74 -17.03
C GLN A 245 18.46 -7.95 -18.22
N PRO A 246 17.21 -8.34 -17.95
CA PRO A 246 16.27 -8.76 -18.99
C PRO A 246 15.90 -7.67 -19.99
N SER A 247 15.98 -6.41 -19.57
CA SER A 247 15.74 -5.23 -20.43
C SER A 247 17.05 -4.66 -21.03
N GLY A 248 18.15 -5.40 -20.97
CA GLY A 248 19.41 -4.93 -21.49
C GLY A 248 20.11 -3.92 -20.59
N ARG A 249 20.71 -2.90 -21.19
CA ARG A 249 21.57 -1.97 -20.46
C ARG A 249 20.67 -1.09 -19.55
N PHE A 250 21.25 -0.65 -18.45
CA PHE A 250 20.57 0.11 -17.38
C PHE A 250 21.65 1.01 -16.80
N VAL A 251 22.10 1.99 -17.60
CA VAL A 251 23.16 2.92 -17.16
C VAL A 251 22.62 4.00 -16.21
N ILE A 252 21.50 4.55 -16.61
CA ILE A 252 20.82 5.62 -15.82
C ILE A 252 19.70 5.00 -15.02
N GLY A 253 19.60 5.38 -13.76
CA GLY A 253 18.50 4.96 -12.91
C GLY A 253 18.28 6.03 -11.83
N GLY A 254 17.63 5.62 -10.76
CA GLY A 254 17.26 6.51 -9.70
C GLY A 254 16.18 7.44 -10.19
N PRO A 255 16.09 8.62 -9.58
CA PRO A 255 14.98 9.52 -9.91
C PRO A 255 14.92 10.12 -11.32
N GLN A 256 16.04 10.05 -12.04
CA GLN A 256 16.11 10.59 -13.43
C GLN A 256 14.97 10.09 -14.30
N GLY A 257 14.20 11.00 -14.87
CA GLY A 257 13.04 10.64 -15.66
C GLY A 257 12.09 9.68 -14.99
N ASP A 258 12.01 9.74 -13.68
N ASP A 258 11.98 9.72 -13.66
CA ASP A 258 11.16 8.85 -12.94
CA ASP A 258 11.25 8.68 -12.88
C ASP A 258 10.59 9.73 -11.80
C ASP A 258 10.92 8.96 -11.39
N ALA A 259 9.65 9.20 -11.09
CA ALA A 259 9.24 9.87 -9.85
C ALA A 259 9.02 8.81 -8.80
N GLY A 260 9.44 9.10 -7.59
CA GLY A 260 9.18 8.23 -6.50
C GLY A 260 8.67 8.98 -5.30
N LEU A 261 8.05 8.21 -4.39
CA LEU A 261 7.44 8.78 -3.22
C LEU A 261 7.63 7.84 -2.06
N THR A 262 7.60 8.40 -0.87
CA THR A 262 7.61 7.60 0.36
C THR A 262 6.34 6.76 0.43
N GLY A 263 6.49 5.54 0.93
CA GLY A 263 5.34 4.67 1.14
C GLY A 263 4.70 4.07 -0.09
N ARG A 264 5.46 3.91 -1.17
CA ARG A 264 4.96 3.32 -2.39
C ARG A 264 5.54 1.91 -2.59
N LYS A 265 6.16 1.35 -1.55
CA LYS A 265 6.72 -0.01 -1.58
C LYS A 265 6.30 -0.77 -0.34
N ILE A 266 5.03 -0.61 0.07
CA ILE A 266 4.58 -1.14 1.36
C ILE A 266 4.49 -2.67 1.39
N ILE A 267 4.25 -3.28 0.23
CA ILE A 267 4.16 -4.73 0.10
C ILE A 267 5.58 -5.35 0.18
N VAL A 268 6.50 -4.72 -0.55
CA VAL A 268 7.93 -5.00 -0.50
C VAL A 268 8.48 -4.88 0.92
N ASP A 269 8.05 -3.83 1.64
CA ASP A 269 8.48 -3.53 2.98
C ASP A 269 8.04 -4.55 3.99
N THR A 270 7.03 -5.34 3.66
CA THR A 270 6.40 -6.22 4.63
C THR A 270 6.61 -7.71 4.28
N TYR A 271 5.65 -8.35 3.66
CA TYR A 271 5.67 -9.79 3.41
C TYR A 271 5.61 -10.17 1.94
N GLY A 272 5.86 -9.21 1.03
CA GLY A 272 5.97 -9.54 -0.35
C GLY A 272 4.73 -10.12 -1.02
N GLY A 273 3.58 -9.81 -0.45
CA GLY A 273 2.33 -10.22 -1.03
C GLY A 273 1.61 -11.27 -0.24
N TRP A 274 2.32 -11.84 0.73
CA TRP A 274 1.76 -12.77 1.64
C TRP A 274 1.02 -12.10 2.79
N GLY A 275 0.13 -12.85 3.44
CA GLY A 275 -0.62 -12.30 4.57
C GLY A 275 -1.56 -11.23 4.06
N ALA A 276 -1.53 -10.05 4.70
CA ALA A 276 -2.37 -8.92 4.31
C ALA A 276 -1.65 -7.65 4.75
N HIS A 277 -2.19 -6.54 4.28
CA HIS A 277 -1.67 -5.22 4.64
C HIS A 277 -2.80 -4.28 4.98
N GLY A 278 -2.60 -3.43 5.99
CA GLY A 278 -3.62 -2.43 6.33
C GLY A 278 -3.61 -1.11 5.57
N GLY A 279 -2.55 -0.89 4.77
CA GLY A 279 -2.40 0.22 3.86
C GLY A 279 -1.47 1.31 4.31
N GLY A 280 -1.00 1.28 5.55
CA GLY A 280 -0.19 2.37 6.09
C GLY A 280 1.30 2.20 5.71
N ALA A 281 1.95 3.27 5.35
CA ALA A 281 3.40 3.26 5.15
C ALA A 281 4.10 3.36 6.46
N PHE A 282 5.36 2.93 6.49
CA PHE A 282 6.16 2.97 7.70
C PHE A 282 7.13 4.17 7.78
N SER A 283 7.82 4.45 6.70
CA SER A 283 8.94 5.38 6.75
C SER A 283 8.54 6.84 6.98
N GLY A 284 9.39 7.54 7.74
CA GLY A 284 9.13 8.92 8.09
C GLY A 284 8.20 9.17 9.26
N LYS A 285 7.87 8.14 10.05
CA LYS A 285 6.81 8.23 11.08
C LYS A 285 7.35 7.79 12.42
N ASP A 286 7.11 8.58 13.45
CA ASP A 286 7.52 8.20 14.83
C ASP A 286 6.52 7.16 15.39
N TYR A 287 6.79 6.64 16.59
CA TYR A 287 6.01 5.54 17.15
C TYR A 287 4.52 5.84 17.44
N THR A 288 4.12 7.10 17.61
CA THR A 288 2.67 7.40 17.80
C THR A 288 1.85 7.06 16.55
N LYS A 289 2.51 6.96 15.39
CA LYS A 289 1.83 6.56 14.14
C LYS A 289 1.77 5.06 14.21
N VAL A 290 0.60 4.57 14.62
CA VAL A 290 0.36 3.14 14.69
C VAL A 290 0.54 2.41 13.39
N ASP A 291 0.48 3.11 12.24
CA ASP A 291 0.78 2.46 10.98
C ASP A 291 2.10 1.72 11.07
N ARG A 292 3.07 2.30 11.82
CA ARG A 292 4.37 1.66 12.01
C ARG A 292 4.43 0.83 13.31
N SER A 293 4.13 1.45 14.46
CA SER A 293 4.38 0.80 15.70
C SER A 293 3.50 -0.45 15.92
N ALA A 294 2.25 -0.39 15.46
CA ALA A 294 1.34 -1.52 15.64
C ALA A 294 1.59 -2.58 14.61
N ALA A 295 2.03 -2.22 13.38
CA ALA A 295 2.43 -3.28 12.42
C ALA A 295 3.70 -4.02 12.95
N TYR A 296 4.64 -3.27 13.56
CA TYR A 296 5.81 -3.89 14.18
C TYR A 296 5.40 -4.83 15.32
N ALA A 297 4.57 -4.33 16.23
CA ALA A 297 4.03 -5.18 17.31
C ALA A 297 3.24 -6.39 16.76
N ALA A 298 2.49 -6.23 15.69
CA ALA A 298 1.71 -7.34 15.21
C ALA A 298 2.64 -8.39 14.57
N ARG A 299 3.70 -7.93 13.90
CA ARG A 299 4.76 -8.86 13.46
C ARG A 299 5.35 -9.63 14.67
N TRP A 300 5.66 -8.89 15.73
CA TRP A 300 6.21 -9.46 16.93
C TRP A 300 5.26 -10.52 17.48
N VAL A 301 3.98 -10.21 17.53
CA VAL A 301 2.95 -11.21 17.99
C VAL A 301 2.97 -12.46 17.08
N ALA A 302 2.95 -12.26 15.77
CA ALA A 302 2.88 -13.35 14.82
C ALA A 302 4.08 -14.25 14.97
N LYS A 303 5.26 -13.64 15.02
CA LYS A 303 6.50 -14.38 15.13
C LYS A 303 6.57 -15.12 16.52
N SER A 304 6.11 -14.47 17.57
CA SER A 304 6.07 -15.13 18.94
C SER A 304 5.19 -16.39 18.92
N LEU A 305 4.06 -16.31 18.23
CA LEU A 305 3.13 -17.45 18.14
C LEU A 305 3.77 -18.62 17.39
N VAL A 306 4.43 -18.33 16.26
CA VAL A 306 5.07 -19.38 15.46
C VAL A 306 6.28 -19.96 16.19
N LYS A 307 7.19 -19.12 16.68
CA LYS A 307 8.36 -19.63 17.35
C LYS A 307 8.01 -20.30 18.68
N GLY A 308 6.92 -19.88 19.29
CA GLY A 308 6.37 -20.52 20.50
C GLY A 308 5.76 -21.88 20.20
N GLY A 309 5.70 -22.27 18.93
CA GLY A 309 5.09 -23.51 18.49
C GLY A 309 3.60 -23.60 18.65
N LEU A 310 2.88 -22.48 18.74
CA LEU A 310 1.40 -22.49 18.75
C LEU A 310 0.78 -22.65 17.37
N CYS A 311 1.46 -22.21 16.33
CA CYS A 311 1.02 -22.48 14.97
CA CYS A 311 1.01 -22.45 14.95
C CYS A 311 2.22 -22.50 14.01
N ARG A 312 1.98 -22.87 12.79
CA ARG A 312 2.99 -22.86 11.74
C ARG A 312 2.98 -21.60 10.86
N ARG A 313 1.80 -21.00 10.72
CA ARG A 313 1.59 -19.81 9.91
C ARG A 313 0.45 -19.02 10.55
N VAL A 314 0.54 -17.69 10.56
CA VAL A 314 -0.43 -16.91 11.28
C VAL A 314 -0.48 -15.47 10.76
N LEU A 315 -1.69 -14.97 10.74
CA LEU A 315 -2.01 -13.57 10.42
C LEU A 315 -2.72 -12.94 11.58
N VAL A 316 -2.25 -11.77 11.96
CA VAL A 316 -2.74 -10.99 13.09
C VAL A 316 -3.25 -9.68 12.55
N GLN A 317 -4.47 -9.29 12.89
CA GLN A 317 -5.00 -7.96 12.59
C GLN A 317 -5.18 -7.19 13.89
N VAL A 318 -4.81 -5.91 13.86
CA VAL A 318 -5.19 -4.94 14.93
C VAL A 318 -5.73 -3.68 14.27
N SER A 319 -6.48 -2.88 15.02
CA SER A 319 -6.98 -1.59 14.57
C SER A 319 -7.13 -0.59 15.69
N TYR A 320 -7.20 0.67 15.29
CA TYR A 320 -7.11 1.80 16.18
C TYR A 320 -8.02 2.92 15.74
N ALA A 321 -8.31 3.82 16.69
CA ALA A 321 -8.99 5.10 16.42
C ALA A 321 -8.11 6.24 16.89
N ILE A 322 -8.10 7.31 16.13
CA ILE A 322 -7.25 8.47 16.45
C ILE A 322 -7.61 8.95 17.85
N GLY A 323 -6.58 9.08 18.71
CA GLY A 323 -6.79 9.63 20.03
C GLY A 323 -7.16 8.64 21.09
N VAL A 324 -7.31 7.40 20.71
CA VAL A 324 -7.75 6.32 21.59
C VAL A 324 -6.53 5.39 21.84
N SER A 325 -6.19 5.11 23.11
CA SER A 325 -4.97 4.37 23.37
C SER A 325 -5.11 2.87 23.01
N HIS A 326 -6.29 2.29 23.22
CA HIS A 326 -6.42 0.84 23.10
C HIS A 326 -6.80 0.40 21.67
N PRO A 327 -6.42 -0.82 21.26
CA PRO A 327 -6.92 -1.31 19.97
C PRO A 327 -8.41 -1.45 20.04
N LEU A 328 -9.04 -1.19 18.91
CA LEU A 328 -10.45 -1.39 18.71
C LEU A 328 -10.79 -2.82 18.39
N SER A 329 -9.87 -3.55 17.76
CA SER A 329 -10.07 -4.95 17.43
C SER A 329 -8.74 -5.62 17.33
N ILE A 330 -8.73 -6.92 17.65
CA ILE A 330 -7.61 -7.81 17.48
C ILE A 330 -8.16 -9.12 16.96
N SER A 331 -7.50 -9.68 15.95
CA SER A 331 -7.90 -10.91 15.34
C SER A 331 -6.73 -11.79 14.98
N ILE A 332 -6.93 -13.12 15.11
CA ILE A 332 -5.88 -14.10 14.84
C ILE A 332 -6.43 -15.13 13.82
N PHE A 333 -5.68 -15.34 12.74
CA PHE A 333 -6.04 -16.30 11.71
C PHE A 333 -4.88 -17.24 11.55
N HIS A 334 -5.08 -18.53 11.91
CA HIS A 334 -3.98 -19.49 11.92
C HIS A 334 -3.90 -20.45 10.74
N TYR A 335 -4.70 -20.20 9.70
CA TYR A 335 -4.65 -21.00 8.48
C TYR A 335 -4.91 -22.53 8.68
N GLY A 336 -5.48 -22.90 9.82
CA GLY A 336 -5.64 -24.31 10.22
C GLY A 336 -4.38 -24.97 10.76
N THR A 337 -3.37 -24.18 11.14
CA THR A 337 -2.07 -24.74 11.50
C THR A 337 -1.82 -24.82 13.00
N SER A 338 -2.88 -24.76 13.80
CA SER A 338 -2.77 -24.90 15.25
C SER A 338 -3.78 -25.97 15.74
N GLN A 339 -3.44 -26.59 16.85
CA GLN A 339 -4.36 -27.40 17.64
C GLN A 339 -5.34 -26.51 18.41
N LYS A 340 -4.95 -25.26 18.68
CA LYS A 340 -5.81 -24.34 19.38
C LYS A 340 -6.73 -23.64 18.41
N SER A 341 -7.89 -23.25 18.93
CA SER A 341 -8.80 -22.53 18.06
C SER A 341 -8.22 -21.11 17.93
N GLU A 342 -8.74 -20.39 16.95
CA GLU A 342 -8.36 -18.99 16.77
C GLU A 342 -8.79 -18.13 17.99
N ARG A 343 -9.95 -18.43 18.58
CA ARG A 343 -10.38 -17.77 19.82
C ARG A 343 -9.40 -18.05 20.99
N GLU A 344 -8.95 -19.30 21.13
CA GLU A 344 -7.94 -19.61 22.18
C GLU A 344 -6.62 -18.83 21.94
N LEU A 345 -6.18 -18.73 20.68
CA LEU A 345 -4.94 -17.98 20.40
C LEU A 345 -5.10 -16.49 20.69
N LEU A 346 -6.27 -15.94 20.40
CA LEU A 346 -6.55 -14.56 20.67
C LEU A 346 -6.50 -14.31 22.15
N GLU A 347 -7.09 -15.21 22.92
CA GLU A 347 -7.09 -15.08 24.38
C GLU A 347 -5.65 -15.12 24.90
N ILE A 348 -4.83 -15.97 24.32
CA ILE A 348 -3.38 -16.03 24.66
C ILE A 348 -2.67 -14.69 24.30
N VAL A 349 -2.97 -14.21 23.10
CA VAL A 349 -2.37 -12.91 22.69
C VAL A 349 -2.77 -11.81 23.68
N LYS A 350 -4.04 -11.70 24.04
CA LYS A 350 -4.52 -10.65 24.97
C LYS A 350 -3.92 -10.76 26.36
N LYS A 351 -3.62 -11.99 26.79
CA LYS A 351 -2.88 -12.21 28.05
C LYS A 351 -1.40 -11.92 28.01
N ASN A 352 -0.77 -11.95 26.83
CA ASN A 352 0.67 -11.71 26.75
C ASN A 352 1.15 -10.39 26.15
N PHE A 353 0.27 -9.64 25.50
CA PHE A 353 0.64 -8.41 24.81
C PHE A 353 -0.34 -7.27 25.19
N ASP A 354 0.22 -6.05 25.36
CA ASP A 354 -0.53 -4.83 25.58
C ASP A 354 -0.21 -3.95 24.38
N LEU A 355 -1.17 -3.81 23.48
CA LEU A 355 -0.90 -3.18 22.18
C LEU A 355 -1.33 -1.69 22.11
N ARG A 356 -1.30 -1.04 23.25
CA ARG A 356 -1.32 0.42 23.31
C ARG A 356 -0.01 0.96 22.77
N PRO A 357 -0.05 1.99 21.90
CA PRO A 357 1.22 2.52 21.39
C PRO A 357 2.20 2.98 22.47
N GLY A 358 1.68 3.50 23.55
CA GLY A 358 2.50 3.95 24.69
C GLY A 358 3.13 2.84 25.48
N VAL A 359 2.66 1.60 25.28
CA VAL A 359 3.32 0.42 25.85
C VAL A 359 4.24 -0.25 24.81
N ILE A 360 3.77 -0.36 23.56
CA ILE A 360 4.55 -0.88 22.46
C ILE A 360 5.89 -0.13 22.38
N VAL A 361 5.86 1.19 22.53
CA VAL A 361 7.10 1.99 22.47
C VAL A 361 8.19 1.53 23.45
N ARG A 362 7.77 1.19 24.65
CA ARG A 362 8.71 0.70 25.67
C ARG A 362 9.17 -0.70 25.34
N ASP A 363 8.23 -1.56 24.93
CA ASP A 363 8.59 -2.94 24.58
C ASP A 363 9.54 -3.06 23.42
N LEU A 364 9.36 -2.26 22.36
CA LEU A 364 10.13 -2.40 21.18
C LEU A 364 11.19 -1.30 21.03
N ASP A 365 11.32 -0.45 22.03
CA ASP A 365 12.38 0.59 22.03
C ASP A 365 12.30 1.56 20.85
N LEU A 366 11.10 2.06 20.60
CA LEU A 366 10.79 2.70 19.32
C LEU A 366 11.14 4.19 19.27
N LYS A 367 11.70 4.72 20.34
CA LYS A 367 12.29 6.06 20.29
C LYS A 367 13.77 6.02 19.82
N LYS A 368 14.35 4.84 19.65
CA LYS A 368 15.75 4.72 19.24
C LYS A 368 15.88 5.05 17.75
N PRO A 369 16.95 5.76 17.39
CA PRO A 369 17.08 6.17 15.97
C PRO A 369 17.72 5.07 15.12
N ILE A 370 16.95 4.04 14.85
CA ILE A 370 17.38 2.87 14.05
C ILE A 370 16.56 2.73 12.78
N TYR A 371 15.77 3.73 12.45
CA TYR A 371 14.79 3.55 11.42
C TYR A 371 15.40 3.56 10.02
N GLN A 372 16.48 4.31 9.80
CA GLN A 372 17.11 4.26 8.45
C GLN A 372 17.51 2.86 8.00
N ARG A 373 17.91 2.03 8.96
CA ARG A 373 18.21 0.62 8.71
C ARG A 373 17.03 -0.18 8.20
N THR A 374 15.79 0.22 8.58
CA THR A 374 14.55 -0.48 8.17
C THR A 374 14.08 -0.20 6.73
N ALA A 375 14.59 0.90 6.19
CA ALA A 375 14.01 1.49 4.99
C ALA A 375 14.36 0.79 3.70
N ALA A 376 15.30 -0.15 3.73
CA ALA A 376 15.53 -1.02 2.57
C ALA A 376 15.74 -2.42 3.13
N TYR A 377 15.43 -3.38 2.27
CA TYR A 377 15.65 -4.81 2.50
C TYR A 377 14.63 -5.43 3.47
N GLY A 378 13.51 -4.75 3.65
CA GLY A 378 12.41 -5.25 4.45
C GLY A 378 12.47 -4.86 5.90
N HIS A 379 11.31 -4.57 6.48
CA HIS A 379 11.30 -4.18 7.91
C HIS A 379 11.30 -5.43 8.82
N PHE A 380 11.04 -6.60 8.21
CA PHE A 380 10.80 -7.82 8.97
C PHE A 380 11.74 -8.90 8.49
N GLY A 381 12.07 -9.81 9.38
CA GLY A 381 12.94 -10.90 9.07
C GLY A 381 14.35 -10.75 9.58
N ARG A 382 14.78 -9.53 9.97
CA ARG A 382 16.14 -9.31 10.51
C ARG A 382 16.13 -9.46 12.01
N ASP A 383 17.14 -10.14 12.56
CA ASP A 383 17.20 -10.45 14.03
C ASP A 383 17.57 -9.31 15.02
N SER A 384 18.28 -8.29 14.56
CA SER A 384 18.71 -7.20 15.39
C SER A 384 17.59 -6.23 15.79
N PHE A 385 16.40 -6.29 15.18
CA PHE A 385 15.28 -5.42 15.59
C PHE A 385 14.46 -6.07 16.70
N PRO A 386 14.00 -5.29 17.69
CA PRO A 386 13.27 -5.87 18.82
C PRO A 386 11.97 -6.63 18.49
N TRP A 387 11.30 -6.23 17.41
CA TRP A 387 10.07 -6.96 16.98
C TRP A 387 10.35 -8.32 16.36
N GLU A 388 11.62 -8.66 16.16
CA GLU A 388 12.11 -9.94 15.60
C GLU A 388 12.66 -10.90 16.69
N VAL A 389 12.59 -10.45 17.94
CA VAL A 389 12.91 -11.30 19.10
C VAL A 389 11.59 -11.78 19.70
N PRO A 390 11.26 -13.09 19.53
CA PRO A 390 10.00 -13.62 20.04
C PRO A 390 9.88 -13.46 21.56
N LYS A 391 8.67 -13.13 22.01
CA LYS A 391 8.28 -13.11 23.40
C LYS A 391 7.96 -14.54 23.82
N LYS A 392 8.54 -14.94 24.93
CA LYS A 392 8.14 -16.19 25.56
C LYS A 392 6.73 -16.01 26.12
N LEU A 393 5.82 -16.86 25.68
CA LEU A 393 4.40 -16.70 25.99
C LEU A 393 4.01 -17.59 27.20
N LYS A 394 3.16 -17.05 28.05
CA LYS A 394 2.53 -17.76 29.17
C LYS A 394 1.13 -18.16 28.75
N TYR A 395 0.76 -19.44 28.89
CA TYR A 395 -0.61 -19.94 28.63
C TYR A 395 -0.81 -21.29 29.29
N GLY B 16 -16.57 -19.67 17.35
CA GLY B 16 -16.46 -19.49 15.88
C GLY B 16 -16.49 -18.05 15.33
N THR B 17 -16.76 -17.03 16.16
CA THR B 17 -16.83 -15.66 15.62
C THR B 17 -15.47 -14.95 15.64
N PHE B 18 -15.36 -13.97 14.77
CA PHE B 18 -14.16 -13.13 14.73
C PHE B 18 -14.54 -11.73 14.31
N LEU B 19 -13.60 -10.81 14.59
CA LEU B 19 -13.67 -9.42 14.14
C LEU B 19 -12.80 -9.18 12.93
N PHE B 20 -13.27 -8.28 12.08
CA PHE B 20 -12.43 -7.79 11.00
C PHE B 20 -12.76 -6.33 10.81
N THR B 21 -11.73 -5.54 10.54
CA THR B 21 -11.82 -4.09 10.42
C THR B 21 -11.28 -3.64 9.05
N SER B 22 -12.00 -2.74 8.41
CA SER B 22 -11.55 -2.02 7.19
C SER B 22 -11.81 -0.52 7.34
N GLU B 23 -11.04 0.30 6.61
CA GLU B 23 -11.29 1.76 6.62
C GLU B 23 -11.58 2.31 5.22
N SER B 24 -12.11 3.54 5.18
CA SER B 24 -12.17 4.32 3.94
C SER B 24 -11.92 5.80 4.28
N VAL B 25 -11.68 6.60 3.26
CA VAL B 25 -11.48 8.03 3.45
C VAL B 25 -12.30 8.82 2.46
N GLY B 26 -12.59 10.07 2.82
CA GLY B 26 -13.35 10.94 1.95
C GLY B 26 -12.58 11.52 0.77
N GLU B 27 -13.29 12.27 -0.05
CA GLU B 27 -12.66 12.90 -1.22
C GLU B 27 -11.61 13.96 -0.83
N GLY B 28 -11.82 14.57 0.34
CA GLY B 28 -10.93 15.62 0.80
C GLY B 28 -9.83 15.14 1.71
N HIS B 29 -9.74 13.83 1.98
CA HIS B 29 -8.54 13.27 2.66
C HIS B 29 -7.33 13.57 1.74
N PRO B 30 -6.21 14.04 2.29
CA PRO B 30 -5.16 14.57 1.40
C PRO B 30 -4.56 13.55 0.43
N ASP B 31 -4.46 12.31 0.85
CA ASP B 31 -3.97 11.22 -0.03
C ASP B 31 -4.99 11.00 -1.15
N LYS B 32 -6.27 11.00 -0.81
CA LYS B 32 -7.32 10.85 -1.84
C LYS B 32 -7.48 12.04 -2.77
N ILE B 33 -7.23 13.24 -2.27
CA ILE B 33 -7.12 14.40 -3.18
C ILE B 33 -6.10 14.07 -4.31
N CYS B 34 -4.91 13.59 -3.91
CA CYS B 34 -3.84 13.26 -4.83
C CYS B 34 -4.22 12.15 -5.83
N ASP B 35 -4.87 11.10 -5.37
CA ASP B 35 -5.36 10.05 -6.28
C ASP B 35 -6.34 10.61 -7.30
N GLN B 36 -7.27 11.46 -6.86
CA GLN B 36 -8.23 12.06 -7.77
CA GLN B 36 -8.25 12.07 -7.73
C GLN B 36 -7.58 12.99 -8.80
N ILE B 37 -6.63 13.84 -8.39
CA ILE B 37 -5.91 14.71 -9.31
C ILE B 37 -5.09 13.89 -10.31
N SER B 38 -4.38 12.86 -9.81
CA SER B 38 -3.56 12.01 -10.68
C SER B 38 -4.43 11.36 -11.79
N ASP B 39 -5.61 10.89 -11.40
CA ASP B 39 -6.53 10.31 -12.36
C ASP B 39 -7.26 11.38 -13.24
N ALA B 40 -7.48 12.59 -12.72
CA ALA B 40 -7.98 13.67 -13.53
C ALA B 40 -6.97 14.00 -14.64
N VAL B 41 -5.67 13.95 -14.30
CA VAL B 41 -4.62 14.20 -15.26
C VAL B 41 -4.65 13.10 -16.34
N LEU B 42 -4.72 11.84 -15.90
CA LEU B 42 -4.84 10.69 -16.81
C LEU B 42 -6.03 10.85 -17.79
N ASP B 43 -7.19 11.16 -17.24
CA ASP B 43 -8.43 11.37 -18.02
C ASP B 43 -8.23 12.51 -19.03
N ALA B 44 -7.60 13.61 -18.61
CA ALA B 44 -7.41 14.74 -19.49
C ALA B 44 -6.56 14.33 -20.66
N HIS B 45 -5.53 13.50 -20.42
CA HIS B 45 -4.72 13.03 -21.50
C HIS B 45 -5.49 12.10 -22.43
N LEU B 46 -6.20 11.14 -21.86
CA LEU B 46 -6.94 10.15 -22.63
C LEU B 46 -8.05 10.76 -23.50
N GLN B 47 -8.63 11.86 -23.02
CA GLN B 47 -9.70 12.58 -23.76
C GLN B 47 -9.17 13.08 -25.10
N GLN B 48 -7.92 13.56 -25.11
CA GLN B 48 -7.30 14.03 -26.35
C GLN B 48 -6.46 12.94 -27.09
N ASP B 49 -5.89 12.00 -26.35
CA ASP B 49 -4.97 11.02 -26.91
C ASP B 49 -5.20 9.67 -26.22
N PRO B 50 -6.04 8.79 -26.83
CA PRO B 50 -6.33 7.51 -26.20
C PRO B 50 -5.14 6.60 -25.97
N ASP B 51 -4.01 6.86 -26.66
CA ASP B 51 -2.79 6.11 -26.48
C ASP B 51 -1.78 6.77 -25.54
N ALA B 52 -2.16 7.82 -24.82
CA ALA B 52 -1.24 8.48 -23.88
C ALA B 52 -0.72 7.51 -22.85
N LYS B 53 0.56 7.65 -22.53
CA LYS B 53 1.16 6.90 -21.44
C LYS B 53 1.31 7.92 -20.33
N VAL B 54 0.80 7.57 -19.16
CA VAL B 54 0.76 8.48 -18.03
C VAL B 54 1.25 7.76 -16.78
N ALA B 55 2.14 8.44 -16.03
CA ALA B 55 2.56 7.99 -14.70
C ALA B 55 2.68 9.25 -13.84
N CYS B 56 1.52 9.75 -13.46
CA CYS B 56 1.38 11.03 -12.76
C CYS B 56 1.28 10.91 -11.24
N GLU B 57 2.26 11.43 -10.52
CA GLU B 57 2.20 11.48 -9.06
C GLU B 57 1.76 12.88 -8.63
N THR B 58 0.91 12.94 -7.61
CA THR B 58 0.47 14.19 -7.03
C THR B 58 0.91 14.20 -5.54
N VAL B 59 1.41 15.36 -5.11
CA VAL B 59 1.76 15.64 -3.74
C VAL B 59 0.98 16.86 -3.27
N ALA B 60 0.41 16.79 -2.07
CA ALA B 60 -0.43 17.88 -1.50
C ALA B 60 0.11 18.22 -0.12
N LYS B 61 0.39 19.49 0.10
CA LYS B 61 0.65 19.93 1.46
C LYS B 61 0.13 21.36 1.49
N THR B 62 0.12 21.95 2.66
CA THR B 62 -0.40 23.30 2.87
C THR B 62 -0.15 24.22 1.66
N GLY B 63 -1.22 24.61 0.99
CA GLY B 63 -1.08 25.53 -0.13
C GLY B 63 -0.62 25.02 -1.48
N MET B 64 -0.27 23.75 -1.59
CA MET B 64 0.52 23.22 -2.72
C MET B 64 -0.07 21.96 -3.32
N ILE B 65 -0.19 21.98 -4.63
CA ILE B 65 -0.38 20.76 -5.43
C ILE B 65 0.83 20.66 -6.34
N LEU B 66 1.62 19.58 -6.16
CA LEU B 66 2.77 19.31 -7.02
C LEU B 66 2.43 18.08 -7.87
N LEU B 67 2.55 18.24 -9.18
CA LEU B 67 2.50 17.13 -10.14
C LEU B 67 3.90 16.73 -10.59
N ALA B 68 4.20 15.42 -10.52
CA ALA B 68 5.50 14.88 -10.90
C ALA B 68 5.27 13.60 -11.63
N GLY B 69 6.18 13.27 -12.54
CA GLY B 69 6.04 12.06 -13.33
C GLY B 69 6.30 12.19 -14.81
N GLU B 70 6.09 11.10 -15.50
CA GLU B 70 6.46 10.94 -16.90
C GLU B 70 5.19 10.76 -17.71
N ILE B 71 5.08 11.48 -18.83
CA ILE B 71 3.96 11.35 -19.75
C ILE B 71 4.48 11.28 -21.18
N THR B 72 3.95 10.33 -21.95
CA THR B 72 4.15 10.30 -23.42
C THR B 72 2.76 10.52 -24.00
N SER B 73 2.57 11.62 -24.71
CA SER B 73 1.24 12.01 -25.11
C SER B 73 1.26 13.13 -26.13
N ARG B 74 0.20 13.17 -26.94
CA ARG B 74 0.01 14.23 -27.94
C ARG B 74 -0.91 15.29 -27.42
N ALA B 75 -1.49 15.07 -26.25
CA ALA B 75 -2.39 16.03 -25.66
C ALA B 75 -1.67 17.26 -25.16
N ALA B 76 -2.38 18.40 -25.14
CA ALA B 76 -1.90 19.61 -24.46
C ALA B 76 -2.94 19.89 -23.36
N VAL B 77 -2.52 19.69 -22.12
CA VAL B 77 -3.44 19.77 -20.99
C VAL B 77 -3.18 21.02 -20.20
N ASP B 78 -4.28 21.69 -19.82
CA ASP B 78 -4.26 22.85 -18.99
C ASP B 78 -4.29 22.41 -17.54
N TYR B 79 -3.12 22.25 -16.94
CA TYR B 79 -3.04 21.78 -15.55
C TYR B 79 -3.62 22.72 -14.51
N GLN B 80 -3.56 24.03 -14.78
CA GLN B 80 -4.18 24.99 -13.87
C GLN B 80 -5.66 24.67 -13.73
N LYS B 81 -6.31 24.48 -14.86
CA LYS B 81 -7.71 24.14 -14.93
C LYS B 81 -7.96 22.78 -14.35
N VAL B 82 -7.19 21.76 -14.73
CA VAL B 82 -7.52 20.40 -14.33
C VAL B 82 -7.38 20.28 -12.81
N VAL B 83 -6.28 20.83 -12.28
CA VAL B 83 -6.07 20.74 -10.83
C VAL B 83 -7.10 21.56 -10.05
N ARG B 84 -7.29 22.83 -10.43
CA ARG B 84 -8.19 23.72 -9.69
C ARG B 84 -9.65 23.28 -9.72
N GLU B 85 -10.11 22.77 -10.89
CA GLU B 85 -11.49 22.24 -10.98
C GLU B 85 -11.68 21.03 -10.07
N ALA B 86 -10.69 20.11 -10.05
CA ALA B 86 -10.75 18.97 -9.13
C ALA B 86 -10.83 19.40 -7.68
N VAL B 87 -9.96 20.33 -7.29
CA VAL B 87 -10.01 20.84 -5.93
C VAL B 87 -11.34 21.54 -5.59
N LYS B 88 -11.86 22.32 -6.52
CA LYS B 88 -13.17 22.98 -6.33
C LYS B 88 -14.27 21.94 -6.14
N HIS B 89 -14.29 20.94 -6.99
CA HIS B 89 -15.26 19.87 -6.90
C HIS B 89 -15.23 19.14 -5.55
N ILE B 90 -14.02 18.85 -5.05
CA ILE B 90 -13.85 18.25 -3.71
C ILE B 90 -14.45 19.10 -2.58
N GLY B 91 -14.39 20.43 -2.79
CA GLY B 91 -15.00 21.36 -1.87
C GLY B 91 -14.07 22.32 -1.16
N TYR B 92 -12.81 22.35 -1.57
CA TYR B 92 -11.83 23.24 -0.94
C TYR B 92 -11.79 24.55 -1.69
N ASP B 93 -12.56 25.53 -1.17
CA ASP B 93 -12.75 26.81 -1.84
C ASP B 93 -12.61 28.02 -0.96
N ASP B 94 -12.03 27.87 0.23
CA ASP B 94 -11.75 29.04 1.08
C ASP B 94 -10.66 28.72 2.06
N SER B 95 -9.87 29.75 2.42
CA SER B 95 -8.85 29.62 3.43
C SER B 95 -9.38 29.13 4.77
N SER B 96 -10.64 29.47 5.11
CA SER B 96 -11.26 28.97 6.34
C SER B 96 -11.34 27.45 6.43
N LYS B 97 -11.37 26.81 5.27
CA LYS B 97 -11.45 25.35 5.20
C LYS B 97 -10.08 24.71 5.16
N GLY B 98 -9.00 25.53 5.13
CA GLY B 98 -7.63 25.05 5.06
C GLY B 98 -6.99 24.95 3.69
N PHE B 99 -7.77 25.07 2.62
CA PHE B 99 -7.27 24.92 1.29
C PHE B 99 -8.29 25.59 0.35
N ASP B 100 -7.79 26.24 -0.69
CA ASP B 100 -8.65 26.96 -1.65
C ASP B 100 -8.12 26.81 -3.05
N TYR B 101 -8.97 26.32 -3.94
CA TYR B 101 -8.59 26.11 -5.31
C TYR B 101 -8.21 27.39 -5.99
N LYS B 102 -8.76 28.50 -5.49
CA LYS B 102 -8.51 29.80 -6.11
C LYS B 102 -7.08 30.30 -5.94
N THR B 103 -6.51 29.98 -4.79
CA THR B 103 -5.29 30.61 -4.34
C THR B 103 -4.16 29.60 -4.10
N CYS B 104 -4.36 28.32 -4.32
CA CYS B 104 -3.28 27.34 -4.09
C CYS B 104 -2.21 27.42 -5.16
N ASN B 105 -1.03 26.95 -4.79
CA ASN B 105 0.13 26.91 -5.70
C ASN B 105 0.08 25.58 -6.48
N VAL B 106 -0.05 25.66 -7.80
CA VAL B 106 0.04 24.49 -8.68
C VAL B 106 1.43 24.49 -9.32
N LEU B 107 2.24 23.49 -8.93
CA LEU B 107 3.58 23.31 -9.41
C LEU B 107 3.56 22.13 -10.35
N VAL B 108 4.01 22.36 -11.57
CA VAL B 108 4.07 21.32 -12.57
C VAL B 108 5.50 20.88 -12.87
N ALA B 109 5.82 19.66 -12.48
CA ALA B 109 7.18 19.10 -12.71
C ALA B 109 7.11 17.90 -13.61
N LEU B 110 5.94 17.61 -14.17
CA LEU B 110 5.75 16.54 -15.16
C LEU B 110 6.68 16.71 -16.36
N GLU B 111 7.22 15.60 -16.84
CA GLU B 111 8.05 15.55 -18.01
C GLU B 111 7.23 14.84 -19.10
N GLN B 112 6.75 15.61 -20.08
CA GLN B 112 6.00 15.09 -21.21
C GLN B 112 6.81 15.08 -22.48
N GLN B 113 6.77 13.97 -23.18
CA GLN B 113 7.40 13.86 -24.50
C GLN B 113 6.36 13.42 -25.52
N ALA B 114 6.60 13.75 -26.78
CA ALA B 114 5.79 13.24 -27.90
C ALA B 114 6.01 11.76 -28.10
N PRO B 115 5.01 11.07 -28.64
CA PRO B 115 5.23 9.67 -28.98
C PRO B 115 6.32 9.52 -30.05
N ASP B 116 6.83 8.30 -30.14
CA ASP B 116 7.88 7.95 -31.07
C ASP B 116 7.62 8.49 -32.49
N ILE B 117 8.57 9.26 -33.00
CA ILE B 117 8.44 9.88 -34.35
C ILE B 117 8.25 8.79 -35.41
N ALA B 118 9.10 7.78 -35.37
CA ALA B 118 9.07 6.78 -36.41
C ALA B 118 7.76 5.99 -36.40
N GLN B 119 7.23 5.67 -35.22
CA GLN B 119 5.96 4.98 -35.16
C GLN B 119 4.75 5.89 -35.48
N GLY B 120 4.85 7.18 -35.16
CA GLY B 120 3.82 8.14 -35.60
C GLY B 120 3.61 8.14 -37.10
N VAL B 121 4.67 7.82 -37.83
CA VAL B 121 4.65 7.79 -39.29
C VAL B 121 4.38 6.37 -39.79
N HIS B 122 4.53 5.37 -38.91
CA HIS B 122 4.12 3.99 -39.22
C HIS B 122 2.57 3.87 -39.23
N LEU B 123 1.98 4.37 -40.32
CA LEU B 123 0.54 4.62 -40.44
C LEU B 123 -0.27 3.32 -40.51
N ASP B 124 0.36 2.21 -40.91
CA ASP B 124 -0.34 0.92 -41.04
C ASP B 124 -0.12 -0.03 -39.85
N ARG B 125 -0.27 0.49 -38.63
CA ARG B 125 -0.11 -0.28 -37.39
C ARG B 125 1.20 -1.03 -37.37
N ALA B 132 3.43 -7.32 -22.40
CA ALA B 132 3.94 -6.82 -21.15
C ALA B 132 4.84 -7.86 -20.47
N GLY B 133 5.97 -7.38 -19.94
CA GLY B 133 7.03 -8.24 -19.43
C GLY B 133 7.45 -7.72 -18.09
N ASP B 134 6.89 -8.30 -17.04
CA ASP B 134 7.14 -7.82 -15.68
C ASP B 134 6.74 -8.97 -14.78
N GLN B 135 7.72 -9.58 -14.11
CA GLN B 135 7.45 -10.75 -13.29
C GLN B 135 6.73 -10.29 -12.01
N GLY B 136 5.46 -10.68 -11.89
CA GLY B 136 4.66 -10.40 -10.67
C GLY B 136 3.21 -10.90 -10.73
N LEU B 137 2.48 -10.65 -9.63
CA LEU B 137 1.14 -11.18 -9.48
C LEU B 137 0.11 -10.14 -9.02
N MET B 138 -1.10 -10.43 -9.41
CA MET B 138 -2.21 -9.57 -9.14
C MET B 138 -3.26 -10.49 -8.54
N PHE B 139 -4.08 -9.93 -7.68
CA PHE B 139 -5.08 -10.70 -6.96
C PHE B 139 -6.44 -10.09 -7.24
N GLY B 140 -7.43 -10.94 -7.39
CA GLY B 140 -8.80 -10.55 -7.41
C GLY B 140 -9.51 -11.23 -6.25
N TYR B 141 -10.56 -10.60 -5.72
CA TYR B 141 -11.27 -11.13 -4.54
C TYR B 141 -12.74 -10.77 -4.69
N ALA B 142 -13.60 -11.67 -4.23
CA ALA B 142 -15.06 -11.43 -4.26
C ALA B 142 -15.66 -12.28 -3.19
N THR B 143 -16.73 -11.80 -2.59
CA THR B 143 -17.42 -12.45 -1.52
C THR B 143 -18.92 -12.16 -1.66
N ASP B 144 -19.74 -13.19 -1.40
CA ASP B 144 -21.18 -13.00 -1.54
C ASP B 144 -21.82 -12.32 -0.35
N GLU B 145 -21.05 -11.86 0.66
CA GLU B 145 -21.66 -11.25 1.84
C GLU B 145 -22.45 -9.93 1.58
N THR B 146 -22.17 -9.29 0.45
CA THR B 146 -22.89 -8.13 0.00
C THR B 146 -23.21 -8.28 -1.44
N GLU B 147 -24.16 -7.50 -1.89
CA GLU B 147 -24.49 -7.46 -3.30
C GLU B 147 -23.34 -6.86 -4.17
N GLU B 148 -22.60 -5.94 -3.58
CA GLU B 148 -21.36 -5.41 -4.20
C GLU B 148 -20.28 -6.50 -4.39
N CYS B 149 -20.45 -7.63 -3.73
CA CYS B 149 -19.50 -8.74 -3.83
C CYS B 149 -18.20 -8.37 -3.17
N MET B 150 -18.30 -7.56 -2.09
CA MET B 150 -17.15 -6.99 -1.39
C MET B 150 -17.33 -7.17 0.10
N PRO B 151 -16.23 -7.10 0.86
CA PRO B 151 -16.41 -7.18 2.30
C PRO B 151 -17.29 -6.11 2.85
N LEU B 152 -18.16 -6.47 3.77
CA LEU B 152 -19.12 -5.51 4.37
C LEU B 152 -18.38 -4.39 5.07
N THR B 153 -17.30 -4.73 5.74
CA THR B 153 -16.44 -3.76 6.44
C THR B 153 -16.07 -2.57 5.53
N ILE B 154 -15.53 -2.87 4.36
CA ILE B 154 -15.10 -1.80 3.45
C ILE B 154 -16.29 -1.17 2.65
N VAL B 155 -17.31 -1.94 2.30
CA VAL B 155 -18.52 -1.35 1.71
C VAL B 155 -19.14 -0.26 2.62
N LEU B 156 -19.33 -0.59 3.90
CA LEU B 156 -19.89 0.35 4.87
C LEU B 156 -18.96 1.55 5.05
N ALA B 157 -17.67 1.30 5.16
CA ALA B 157 -16.70 2.42 5.38
C ALA B 157 -16.76 3.42 4.23
N HIS B 158 -16.80 2.89 3.00
CA HIS B 158 -16.94 3.74 1.83
C HIS B 158 -18.23 4.54 1.87
N LYS B 159 -19.36 3.84 2.13
CA LYS B 159 -20.66 4.48 2.04
C LYS B 159 -20.81 5.55 3.10
N LEU B 160 -20.20 5.33 4.27
CA LEU B 160 -20.24 6.36 5.30
C LEU B 160 -19.53 7.64 4.81
N ASN B 161 -18.36 7.52 4.16
CA ASN B 161 -17.76 8.72 3.59
C ASN B 161 -18.62 9.36 2.51
N ALA B 162 -19.24 8.57 1.66
CA ALA B 162 -20.07 9.10 0.58
C ALA B 162 -21.23 9.86 1.17
N LYS B 163 -21.86 9.31 2.19
CA LYS B 163 -22.98 9.98 2.88
C LYS B 163 -22.59 11.32 3.44
N LEU B 164 -21.41 11.40 4.04
CA LEU B 164 -20.91 12.68 4.56
C LEU B 164 -20.81 13.69 3.41
N ALA B 165 -20.21 13.31 2.30
CA ALA B 165 -20.13 14.24 1.17
C ALA B 165 -21.53 14.67 0.68
N GLU B 166 -22.47 13.73 0.57
CA GLU B 166 -23.81 14.03 0.12
C GLU B 166 -24.50 15.11 1.04
N LEU B 167 -24.45 14.87 2.33
CA LEU B 167 -25.04 15.78 3.31
C LEU B 167 -24.32 17.08 3.44
N ARG B 168 -22.99 17.08 3.23
CA ARG B 168 -22.24 18.33 3.10
C ARG B 168 -22.72 19.11 1.86
N ARG B 169 -22.74 18.48 0.72
CA ARG B 169 -23.04 19.13 -0.56
C ARG B 169 -24.52 19.58 -0.68
N ASN B 170 -25.43 18.91 0.02
CA ASN B 170 -26.85 19.32 -0.10
C ASN B 170 -27.25 20.30 1.00
N GLY B 171 -26.29 20.67 1.86
CA GLY B 171 -26.52 21.62 2.92
C GLY B 171 -27.25 21.14 4.16
N THR B 172 -27.54 19.84 4.25
CA THR B 172 -28.12 19.23 5.45
C THR B 172 -27.25 19.41 6.68
N LEU B 173 -25.95 19.14 6.52
CA LEU B 173 -25.00 19.35 7.61
C LEU B 173 -23.93 20.33 7.11
N PRO B 174 -24.26 21.64 7.08
CA PRO B 174 -23.33 22.53 6.41
C PRO B 174 -22.04 22.82 7.20
N TRP B 175 -21.94 22.36 8.45
CA TRP B 175 -20.71 22.45 9.22
C TRP B 175 -19.62 21.45 8.78
N LEU B 176 -20.00 20.47 7.94
CA LEU B 176 -19.06 19.45 7.38
C LEU B 176 -18.02 20.08 6.44
N ARG B 177 -16.79 19.57 6.50
CA ARG B 177 -15.77 19.91 5.51
C ARG B 177 -15.37 18.63 4.73
N PRO B 178 -14.49 18.75 3.70
CA PRO B 178 -14.28 17.59 2.80
C PRO B 178 -13.45 16.44 3.32
N ASP B 179 -12.61 16.66 4.31
CA ASP B 179 -11.68 15.64 4.76
C ASP B 179 -12.40 14.77 5.76
N SER B 180 -12.45 13.45 5.52
CA SER B 180 -13.12 12.50 6.40
C SER B 180 -12.40 11.16 6.35
N LYS B 181 -12.46 10.44 7.46
CA LYS B 181 -12.03 9.06 7.56
C LYS B 181 -13.08 8.26 8.33
N THR B 182 -13.29 7.03 7.89
CA THR B 182 -14.20 6.10 8.58
C THR B 182 -13.53 4.76 8.73
N GLN B 183 -14.02 3.99 9.69
CA GLN B 183 -13.51 2.66 9.95
C GLN B 183 -14.63 1.80 10.57
N VAL B 184 -14.82 0.61 10.00
CA VAL B 184 -15.89 -0.30 10.45
C VAL B 184 -15.33 -1.67 10.79
N THR B 185 -15.67 -2.15 11.98
CA THR B 185 -15.29 -3.45 12.51
C THR B 185 -16.62 -4.23 12.53
N VAL B 186 -16.61 -5.37 11.87
CA VAL B 186 -17.76 -6.30 11.78
C VAL B 186 -17.37 -7.54 12.54
N GLN B 187 -18.33 -8.05 13.32
CA GLN B 187 -18.26 -9.39 13.90
C GLN B 187 -18.94 -10.41 12.92
N TYR B 188 -18.17 -11.39 12.52
CA TYR B 188 -18.54 -12.40 11.54
C TYR B 188 -18.59 -13.80 12.18
N MET B 189 -19.32 -14.68 11.55
CA MET B 189 -19.18 -16.11 11.77
C MET B 189 -18.81 -16.67 10.44
N GLN B 190 -18.41 -17.93 10.40
CA GLN B 190 -18.03 -18.54 9.14
C GLN B 190 -18.85 -19.81 8.92
N ASP B 191 -19.05 -20.18 7.66
CA ASP B 191 -19.93 -21.30 7.25
C ASP B 191 -19.25 -21.90 6.06
N ARG B 192 -18.42 -22.90 6.29
CA ARG B 192 -17.78 -23.62 5.19
C ARG B 192 -16.95 -22.69 4.31
N GLY B 193 -16.12 -21.85 4.94
CA GLY B 193 -15.28 -20.90 4.22
C GLY B 193 -15.91 -19.56 3.89
N ALA B 194 -17.23 -19.49 3.76
CA ALA B 194 -17.93 -18.20 3.57
C ALA B 194 -17.92 -17.43 4.90
N VAL B 195 -18.02 -16.11 4.81
CA VAL B 195 -18.08 -15.29 5.99
C VAL B 195 -19.44 -14.58 6.04
N LEU B 196 -20.08 -14.68 7.21
CA LEU B 196 -21.41 -14.18 7.43
C LEU B 196 -21.36 -13.05 8.43
N PRO B 197 -21.64 -11.80 8.00
CA PRO B 197 -21.66 -10.70 8.95
C PRO B 197 -22.82 -10.83 9.94
N ILE B 198 -22.55 -10.76 11.24
CA ILE B 198 -23.55 -10.78 12.26
C ILE B 198 -24.01 -9.38 12.66
N ARG B 199 -23.04 -8.49 12.96
CA ARG B 199 -23.31 -7.17 13.51
C ARG B 199 -22.08 -6.26 13.31
N VAL B 200 -22.33 -4.97 13.26
CA VAL B 200 -21.27 -3.98 13.32
C VAL B 200 -20.88 -3.79 14.77
N HIS B 201 -19.60 -4.08 15.08
CA HIS B 201 -19.05 -4.04 16.39
C HIS B 201 -18.62 -2.62 16.79
N THR B 202 -17.93 -1.94 15.87
CA THR B 202 -17.37 -0.65 16.15
C THR B 202 -17.43 0.19 14.87
N ILE B 203 -17.82 1.44 15.04
CA ILE B 203 -17.70 2.47 13.95
C ILE B 203 -16.87 3.64 14.43
N VAL B 204 -15.86 4.00 13.62
CA VAL B 204 -15.13 5.28 13.77
C VAL B 204 -15.52 6.22 12.63
N ILE B 205 -15.84 7.45 12.99
CA ILE B 205 -15.92 8.53 12.01
C ILE B 205 -15.19 9.74 12.55
N SER B 206 -14.26 10.24 11.76
CA SER B 206 -13.57 11.53 11.99
C SER B 206 -13.80 12.35 10.75
N VAL B 207 -14.39 13.54 10.90
CA VAL B 207 -14.65 14.41 9.76
C VAL B 207 -14.35 15.84 10.13
N GLN B 208 -13.67 16.54 9.20
CA GLN B 208 -13.34 17.95 9.40
C GLN B 208 -14.65 18.78 9.47
N HIS B 209 -14.59 19.83 10.28
CA HIS B 209 -15.80 20.63 10.57
C HIS B 209 -15.51 22.08 10.84
N ASP B 210 -16.54 22.92 10.77
CA ASP B 210 -16.37 24.36 11.00
C ASP B 210 -16.10 24.65 12.47
N GLU B 211 -16.05 25.95 12.80
CA GLU B 211 -15.70 26.36 14.14
C GLU B 211 -16.86 26.65 15.09
N GLU B 212 -18.07 26.62 14.55
CA GLU B 212 -19.26 26.98 15.29
C GLU B 212 -19.90 25.73 15.83
N VAL B 213 -20.03 24.66 15.02
CA VAL B 213 -20.77 23.48 15.55
C VAL B 213 -20.19 22.85 16.85
N CYS B 214 -21.03 22.34 17.74
CA CYS B 214 -20.52 21.72 18.96
C CYS B 214 -20.39 20.21 18.78
N LEU B 215 -19.57 19.63 19.63
CA LEU B 215 -19.22 18.21 19.57
C LEU B 215 -20.44 17.31 19.79
N ASP B 216 -21.26 17.62 20.82
CA ASP B 216 -22.53 16.90 21.02
C ASP B 216 -23.42 16.86 19.77
N GLU B 217 -23.57 18.00 19.13
CA GLU B 217 -24.40 18.12 17.90
C GLU B 217 -23.80 17.27 16.76
N MET B 218 -22.46 17.33 16.62
CA MET B 218 -21.78 16.53 15.58
C MET B 218 -21.96 15.05 15.80
N ARG B 219 -21.71 14.60 17.02
CA ARG B 219 -21.84 13.20 17.35
C ARG B 219 -23.24 12.69 17.14
N ASP B 220 -24.25 13.47 17.52
CA ASP B 220 -25.64 13.08 17.27
C ASP B 220 -25.95 12.96 15.80
N ALA B 221 -25.53 13.93 15.00
CA ALA B 221 -25.83 13.88 13.57
C ALA B 221 -25.11 12.70 12.90
N LEU B 222 -23.89 12.44 13.33
CA LEU B 222 -23.09 11.37 12.71
C LEU B 222 -23.78 10.00 12.94
N LYS B 223 -24.33 9.83 14.15
CA LYS B 223 -25.06 8.59 14.45
C LYS B 223 -26.40 8.57 13.72
N GLU B 224 -27.19 9.62 13.86
CA GLU B 224 -28.59 9.59 13.44
C GLU B 224 -28.80 9.82 11.96
N LYS B 225 -28.06 10.75 11.37
CA LYS B 225 -28.23 11.09 9.94
C LYS B 225 -27.22 10.46 8.99
N VAL B 226 -26.12 9.97 9.53
CA VAL B 226 -25.09 9.33 8.71
C VAL B 226 -25.11 7.81 8.92
N ILE B 227 -24.69 7.37 10.09
CA ILE B 227 -24.60 5.93 10.32
C ILE B 227 -25.99 5.25 10.10
N LYS B 228 -27.02 5.77 10.74
CA LYS B 228 -28.35 5.08 10.60
C LYS B 228 -28.93 5.17 9.21
N ALA B 229 -28.46 6.08 8.37
CA ALA B 229 -28.92 6.16 6.98
C ALA B 229 -28.13 5.24 6.05
N VAL B 230 -27.04 4.67 6.54
CA VAL B 230 -26.16 3.91 5.71
C VAL B 230 -26.12 2.42 6.11
N VAL B 231 -25.99 2.14 7.41
CA VAL B 231 -25.81 0.79 7.86
C VAL B 231 -27.19 0.12 8.02
N PRO B 232 -27.38 -1.04 7.38
CA PRO B 232 -28.62 -1.75 7.59
C PRO B 232 -28.92 -1.90 9.09
N ALA B 233 -30.17 -1.60 9.50
CA ALA B 233 -30.53 -1.66 10.90
C ALA B 233 -30.22 -2.99 11.61
N LYS B 234 -30.37 -4.10 10.89
CA LYS B 234 -30.09 -5.44 11.45
C LYS B 234 -28.68 -5.59 12.01
N TYR B 235 -27.74 -4.81 11.48
CA TYR B 235 -26.35 -4.88 11.92
C TYR B 235 -26.01 -3.93 13.10
N LEU B 236 -26.92 -3.01 13.42
CA LEU B 236 -26.72 -2.08 14.53
C LEU B 236 -27.49 -2.58 15.74
N ASP B 237 -26.85 -2.54 16.91
CA ASP B 237 -27.47 -2.88 18.18
C ASP B 237 -26.99 -2.02 19.35
N GLU B 238 -27.55 -2.26 20.54
CA GLU B 238 -27.23 -1.49 21.72
C GLU B 238 -25.80 -1.59 22.11
N ASP B 239 -25.11 -2.64 21.70
CA ASP B 239 -23.70 -2.79 22.06
C ASP B 239 -22.71 -2.26 21.00
N THR B 240 -23.18 -1.87 19.82
CA THR B 240 -22.27 -1.27 18.83
C THR B 240 -21.53 -0.11 19.48
N ILE B 241 -20.20 -0.08 19.31
CA ILE B 241 -19.33 0.99 19.86
C ILE B 241 -19.13 2.10 18.80
N TYR B 242 -19.34 3.36 19.22
CA TYR B 242 -19.20 4.51 18.37
C TYR B 242 -18.02 5.37 18.89
N HIS B 243 -17.06 5.65 18.00
CA HIS B 243 -15.99 6.59 18.20
C HIS B 243 -16.24 7.66 17.12
N LEU B 244 -16.98 8.70 17.49
CA LEU B 244 -17.38 9.75 16.55
C LEU B 244 -16.63 11.00 16.98
N GLN B 245 -15.89 11.61 16.04
CA GLN B 245 -14.97 12.67 16.40
C GLN B 245 -14.15 12.30 17.63
N PRO B 246 -13.47 11.15 17.59
CA PRO B 246 -12.74 10.72 18.79
C PRO B 246 -11.56 11.62 19.23
N SER B 247 -11.01 12.40 18.30
CA SER B 247 -9.92 13.35 18.66
C SER B 247 -10.44 14.57 19.43
N GLY B 248 -11.74 14.84 19.36
CA GLY B 248 -12.32 16.00 20.00
C GLY B 248 -12.47 17.27 19.13
N ARG B 249 -11.61 17.47 18.16
CA ARG B 249 -11.56 18.71 17.39
C ARG B 249 -10.83 18.45 16.11
N PHE B 250 -11.48 18.73 14.99
CA PHE B 250 -10.94 18.48 13.66
C PHE B 250 -11.32 19.65 12.76
N VAL B 251 -10.74 20.81 13.06
CA VAL B 251 -11.02 22.00 12.29
C VAL B 251 -9.93 22.14 11.23
N ILE B 252 -8.68 21.99 11.62
CA ILE B 252 -7.59 21.89 10.64
C ILE B 252 -7.71 20.50 9.93
N GLY B 253 -7.68 20.50 8.61
CA GLY B 253 -7.79 19.25 7.85
C GLY B 253 -7.31 19.50 6.45
N GLY B 254 -7.51 18.52 5.57
CA GLY B 254 -6.94 18.55 4.26
C GLY B 254 -5.42 18.57 4.28
N PRO B 255 -4.82 19.07 3.20
CA PRO B 255 -3.35 19.08 3.13
C PRO B 255 -2.67 19.93 4.19
N GLN B 256 -3.40 20.90 4.74
CA GLN B 256 -2.86 21.68 5.81
C GLN B 256 -2.48 20.82 7.01
N GLY B 257 -3.27 19.80 7.28
CA GLY B 257 -3.06 19.01 8.45
C GLY B 257 -2.17 17.80 8.32
N ASP B 258 -1.99 17.33 7.10
CA ASP B 258 -1.38 16.03 6.82
C ASP B 258 -1.05 16.00 5.31
N ALA B 259 0.24 15.83 4.99
CA ALA B 259 0.64 15.74 3.59
C ALA B 259 -0.04 14.58 2.89
N GLY B 260 -0.41 14.78 1.65
CA GLY B 260 -0.97 13.72 0.84
C GLY B 260 -0.08 13.38 -0.35
N LEU B 261 -0.16 12.12 -0.77
CA LEU B 261 0.49 11.62 -1.96
C LEU B 261 -0.43 10.61 -2.66
N THR B 262 -0.27 10.53 -3.97
CA THR B 262 -0.88 9.51 -4.78
C THR B 262 -0.40 8.14 -4.30
N GLY B 263 -1.31 7.18 -4.28
CA GLY B 263 -1.00 5.79 -4.03
C GLY B 263 -0.66 5.41 -2.61
N ARG B 264 -1.22 6.14 -1.67
CA ARG B 264 -1.08 5.89 -0.25
C ARG B 264 -2.37 5.42 0.43
N LYS B 265 -3.33 5.01 -0.40
CA LYS B 265 -4.58 4.42 0.08
C LYS B 265 -4.93 3.17 -0.76
N ILE B 266 -3.93 2.30 -0.94
CA ILE B 266 -4.08 1.21 -1.87
C ILE B 266 -5.02 0.15 -1.29
N ILE B 267 -5.14 0.09 0.04
CA ILE B 267 -5.99 -0.92 0.68
C ILE B 267 -7.43 -0.41 0.71
N VAL B 268 -7.59 0.91 0.90
CA VAL B 268 -8.88 1.57 0.70
C VAL B 268 -9.39 1.38 -0.74
N ASP B 269 -8.48 1.43 -1.69
CA ASP B 269 -8.84 1.34 -3.10
C ASP B 269 -9.26 -0.07 -3.49
N THR B 270 -8.87 -1.07 -2.71
CA THR B 270 -9.03 -2.47 -3.06
C THR B 270 -9.98 -3.18 -2.07
N TYR B 271 -9.47 -4.06 -1.22
CA TYR B 271 -10.34 -4.95 -0.50
C TYR B 271 -10.31 -4.77 1.02
N GLY B 272 -9.71 -3.70 1.52
CA GLY B 272 -9.85 -3.39 2.96
C GLY B 272 -9.17 -4.34 3.93
N GLY B 273 -8.16 -5.07 3.45
CA GLY B 273 -7.42 -6.06 4.26
C GLY B 273 -7.77 -7.51 3.94
N TRP B 274 -8.92 -7.67 3.30
CA TRP B 274 -9.37 -8.97 2.86
C TRP B 274 -8.66 -9.42 1.57
N GLY B 275 -8.70 -10.71 1.28
CA GLY B 275 -8.10 -11.22 0.03
C GLY B 275 -6.58 -11.20 0.14
N ALA B 276 -5.96 -10.46 -0.75
CA ALA B 276 -4.50 -10.23 -0.75
C ALA B 276 -4.16 -9.08 -1.66
N HIS B 277 -2.96 -8.53 -1.49
CA HIS B 277 -2.47 -7.49 -2.41
C HIS B 277 -1.02 -7.77 -2.71
N GLY B 278 -0.67 -7.80 -3.99
CA GLY B 278 0.72 -8.10 -4.41
C GLY B 278 1.61 -6.90 -4.72
N GLY B 279 1.02 -5.72 -4.62
CA GLY B 279 1.76 -4.44 -4.61
C GLY B 279 1.29 -3.58 -5.75
N GLY B 280 1.46 -2.29 -5.58
CA GLY B 280 1.23 -1.33 -6.65
C GLY B 280 0.00 -0.48 -6.34
N ALA B 281 0.09 0.80 -6.69
CA ALA B 281 -1.05 1.71 -6.59
C ALA B 281 -1.64 1.86 -7.96
N PHE B 282 -2.90 2.33 -8.01
CA PHE B 282 -3.63 2.48 -9.29
C PHE B 282 -3.58 3.84 -9.90
N SER B 283 -3.80 4.88 -9.12
CA SER B 283 -4.11 6.20 -9.73
C SER B 283 -2.92 6.84 -10.41
N GLY B 284 -3.24 7.53 -11.53
CA GLY B 284 -2.27 8.28 -12.31
C GLY B 284 -1.50 7.38 -13.25
N LYS B 285 -1.91 6.10 -13.38
CA LYS B 285 -1.27 5.16 -14.32
C LYS B 285 -2.28 4.75 -15.40
N ASP B 286 -1.86 4.84 -16.67
CA ASP B 286 -2.68 4.41 -17.78
C ASP B 286 -2.79 2.88 -17.81
N TYR B 287 -3.64 2.42 -18.71
CA TYR B 287 -3.99 1.04 -18.88
C TYR B 287 -2.86 0.13 -19.28
N THR B 288 -1.76 0.67 -19.83
CA THR B 288 -0.59 -0.17 -20.08
C THR B 288 0.21 -0.56 -18.84
N LYS B 289 -0.08 0.03 -17.67
CA LYS B 289 0.48 -0.43 -16.43
CA LYS B 289 0.48 -0.44 -16.43
C LYS B 289 -0.37 -1.64 -16.04
N VAL B 290 0.22 -2.82 -16.20
CA VAL B 290 -0.50 -4.05 -15.97
C VAL B 290 -0.91 -4.22 -14.52
N ASP B 291 -0.17 -3.69 -13.55
CA ASP B 291 -0.64 -3.75 -12.16
C ASP B 291 -1.94 -2.95 -11.89
N ARG B 292 -2.38 -2.09 -12.80
CA ARG B 292 -3.74 -1.54 -12.73
C ARG B 292 -4.71 -2.44 -13.53
N SER B 293 -4.45 -2.54 -14.82
CA SER B 293 -5.37 -3.26 -15.73
C SER B 293 -5.61 -4.69 -15.32
N ALA B 294 -4.57 -5.39 -14.93
CA ALA B 294 -4.70 -6.82 -14.58
C ALA B 294 -5.30 -7.04 -13.19
N ALA B 295 -5.18 -6.05 -12.32
CA ALA B 295 -5.86 -6.09 -11.05
C ALA B 295 -7.38 -5.97 -11.30
N TYR B 296 -7.76 -5.11 -12.24
CA TYR B 296 -9.18 -4.92 -12.57
C TYR B 296 -9.73 -6.23 -13.19
N ALA B 297 -8.93 -6.84 -14.07
CA ALA B 297 -9.33 -8.11 -14.68
C ALA B 297 -9.45 -9.22 -13.62
N ALA B 298 -8.56 -9.26 -12.65
CA ALA B 298 -8.63 -10.29 -11.66
C ALA B 298 -9.83 -10.13 -10.74
N ARG B 299 -10.18 -8.89 -10.41
CA ARG B 299 -11.47 -8.60 -9.79
C ARG B 299 -12.67 -9.10 -10.60
N TRP B 300 -12.66 -8.81 -11.89
CA TRP B 300 -13.71 -9.21 -12.85
C TRP B 300 -13.92 -10.74 -12.82
N VAL B 301 -12.81 -11.47 -12.84
CA VAL B 301 -12.83 -12.94 -12.79
C VAL B 301 -13.41 -13.39 -11.48
N ALA B 302 -12.93 -12.83 -10.34
CA ALA B 302 -13.43 -13.25 -9.02
C ALA B 302 -14.90 -12.98 -8.86
N LYS B 303 -15.34 -11.79 -9.31
CA LYS B 303 -16.75 -11.43 -9.16
C LYS B 303 -17.67 -12.32 -10.09
N SER B 304 -17.16 -12.58 -11.28
CA SER B 304 -17.84 -13.52 -12.23
C SER B 304 -18.04 -14.92 -11.62
N LEU B 305 -17.04 -15.43 -10.88
CA LEU B 305 -17.17 -16.77 -10.25
C LEU B 305 -18.18 -16.80 -9.10
N VAL B 306 -18.26 -15.73 -8.33
CA VAL B 306 -19.19 -15.71 -7.25
C VAL B 306 -20.61 -15.46 -7.78
N LYS B 307 -20.77 -14.46 -8.63
CA LYS B 307 -22.10 -14.16 -9.19
C LYS B 307 -22.64 -15.33 -10.06
N GLY B 308 -21.73 -16.08 -10.64
CA GLY B 308 -22.08 -17.32 -11.37
C GLY B 308 -22.48 -18.51 -10.50
N GLY B 309 -22.38 -18.38 -9.18
CA GLY B 309 -22.75 -19.43 -8.25
C GLY B 309 -21.72 -20.52 -8.12
N LEU B 310 -20.51 -20.29 -8.63
CA LEU B 310 -19.45 -21.28 -8.59
C LEU B 310 -18.77 -21.28 -7.22
N CYS B 311 -18.67 -20.11 -6.60
CA CYS B 311 -17.98 -19.88 -5.35
C CYS B 311 -18.86 -18.93 -4.52
N ARG B 312 -18.86 -19.06 -3.20
CA ARG B 312 -19.34 -17.98 -2.33
C ARG B 312 -18.26 -16.88 -2.10
N ARG B 313 -17.02 -17.30 -1.97
CA ARG B 313 -15.90 -16.42 -1.73
C ARG B 313 -14.75 -16.92 -2.56
N VAL B 314 -13.90 -16.03 -3.05
CA VAL B 314 -12.79 -16.49 -3.89
C VAL B 314 -11.65 -15.51 -3.97
N LEU B 315 -10.43 -16.03 -3.96
CA LEU B 315 -9.19 -15.27 -4.25
C LEU B 315 -8.60 -15.77 -5.57
N VAL B 316 -8.46 -14.89 -6.53
CA VAL B 316 -7.95 -15.24 -7.83
C VAL B 316 -6.55 -14.68 -7.91
N GLN B 317 -5.56 -15.56 -8.09
CA GLN B 317 -4.16 -15.11 -8.14
C GLN B 317 -3.58 -15.32 -9.50
N VAL B 318 -3.25 -14.24 -10.18
CA VAL B 318 -2.75 -14.29 -11.56
C VAL B 318 -1.29 -13.86 -11.62
N SER B 319 -0.41 -14.77 -12.06
CA SER B 319 1.01 -14.49 -12.23
C SER B 319 1.34 -14.27 -13.70
N TYR B 320 2.09 -13.19 -13.96
CA TYR B 320 2.66 -12.88 -15.25
C TYR B 320 4.16 -13.09 -15.26
N ALA B 321 4.67 -13.58 -16.39
CA ALA B 321 6.13 -13.78 -16.55
C ALA B 321 6.69 -12.86 -17.64
N ILE B 322 7.90 -12.35 -17.43
CA ILE B 322 8.67 -11.77 -18.59
C ILE B 322 8.70 -12.77 -19.77
N GLY B 323 8.15 -12.34 -20.90
CA GLY B 323 8.29 -13.04 -22.17
C GLY B 323 7.11 -13.92 -22.48
N VAL B 324 6.08 -13.82 -21.65
CA VAL B 324 4.83 -14.53 -21.88
C VAL B 324 3.74 -13.45 -21.78
N SER B 325 2.80 -13.43 -22.73
CA SER B 325 1.67 -12.48 -22.69
C SER B 325 0.55 -13.12 -21.87
N HIS B 326 0.20 -14.37 -22.19
CA HIS B 326 -0.74 -15.15 -21.35
C HIS B 326 -0.14 -15.26 -19.92
N PRO B 327 -1.01 -15.30 -18.89
CA PRO B 327 -0.42 -15.50 -17.52
C PRO B 327 0.45 -16.76 -17.48
N LEU B 328 1.54 -16.66 -16.74
CA LEU B 328 2.36 -17.80 -16.35
C LEU B 328 1.51 -18.82 -15.61
N SER B 329 0.70 -18.36 -14.64
CA SER B 329 -0.15 -19.28 -13.91
C SER B 329 -1.29 -18.57 -13.24
N ILE B 330 -2.35 -19.34 -13.00
CA ILE B 330 -3.53 -18.85 -12.30
C ILE B 330 -3.80 -19.83 -11.22
N SER B 331 -4.01 -19.35 -10.00
CA SER B 331 -4.50 -20.20 -8.92
C SER B 331 -5.77 -19.62 -8.37
N ILE B 332 -6.69 -20.48 -7.99
CA ILE B 332 -7.99 -20.07 -7.53
C ILE B 332 -8.11 -20.64 -6.15
N PHE B 333 -8.34 -19.82 -5.14
CA PHE B 333 -8.45 -20.31 -3.76
C PHE B 333 -9.88 -19.99 -3.35
N HIS B 334 -10.74 -21.00 -3.23
CA HIS B 334 -12.13 -20.79 -2.90
C HIS B 334 -12.49 -20.94 -1.45
N TYR B 335 -11.51 -21.16 -0.58
CA TYR B 335 -11.72 -21.18 0.88
C TYR B 335 -12.59 -22.33 1.32
N GLY B 336 -12.76 -23.34 0.48
CA GLY B 336 -13.81 -24.39 0.68
C GLY B 336 -15.26 -24.05 0.35
N THR B 337 -15.52 -22.93 -0.32
CA THR B 337 -16.91 -22.49 -0.58
C THR B 337 -17.44 -22.96 -1.94
N SER B 338 -16.77 -23.90 -2.57
CA SER B 338 -17.20 -24.40 -3.86
C SER B 338 -17.32 -25.93 -3.79
N GLN B 339 -18.31 -26.48 -4.48
CA GLN B 339 -18.44 -27.93 -4.68
C GLN B 339 -17.35 -28.41 -5.63
N LYS B 340 -16.95 -27.56 -6.56
CA LYS B 340 -15.90 -27.89 -7.51
C LYS B 340 -14.54 -27.65 -6.89
N SER B 341 -13.59 -28.45 -7.32
CA SER B 341 -12.20 -28.32 -6.94
C SER B 341 -11.62 -27.01 -7.47
N GLU B 342 -10.51 -26.60 -6.88
CA GLU B 342 -9.77 -25.43 -7.34
C GLU B 342 -9.32 -25.65 -8.79
N ARG B 343 -8.89 -26.87 -9.14
CA ARG B 343 -8.52 -27.22 -10.53
C ARG B 343 -9.67 -27.12 -11.52
N GLU B 344 -10.87 -27.56 -11.15
CA GLU B 344 -12.05 -27.41 -12.05
C GLU B 344 -12.41 -25.93 -12.32
N LEU B 345 -12.33 -25.10 -11.28
CA LEU B 345 -12.57 -23.65 -11.40
C LEU B 345 -11.52 -23.00 -12.31
N LEU B 346 -10.26 -23.42 -12.17
CA LEU B 346 -9.22 -22.94 -13.07
C LEU B 346 -9.56 -23.25 -14.53
N GLU B 347 -10.03 -24.46 -14.79
CA GLU B 347 -10.43 -24.79 -16.16
C GLU B 347 -11.58 -23.90 -16.67
N ILE B 348 -12.55 -23.58 -15.81
CA ILE B 348 -13.65 -22.70 -16.19
C ILE B 348 -13.09 -21.29 -16.51
N VAL B 349 -12.20 -20.80 -15.65
CA VAL B 349 -11.55 -19.48 -15.89
C VAL B 349 -10.83 -19.46 -17.24
N LYS B 350 -10.03 -20.49 -17.52
CA LYS B 350 -9.26 -20.49 -18.78
C LYS B 350 -10.15 -20.56 -20.02
N LYS B 351 -11.30 -21.23 -19.93
CA LYS B 351 -12.20 -21.33 -21.07
C LYS B 351 -13.01 -20.06 -21.31
N ASN B 352 -13.15 -19.22 -20.28
CA ASN B 352 -14.02 -18.04 -20.34
C ASN B 352 -13.26 -16.70 -20.35
N PHE B 353 -11.99 -16.69 -19.93
CA PHE B 353 -11.25 -15.44 -19.87
C PHE B 353 -9.96 -15.53 -20.63
N ASP B 354 -9.63 -14.44 -21.31
CA ASP B 354 -8.32 -14.23 -21.92
C ASP B 354 -7.66 -13.07 -21.17
N LEU B 355 -6.72 -13.40 -20.29
CA LEU B 355 -6.07 -12.42 -19.44
C LEU B 355 -4.73 -11.86 -19.97
N ARG B 356 -4.53 -11.92 -21.30
CA ARG B 356 -3.43 -11.19 -21.92
C ARG B 356 -3.73 -9.71 -21.75
N PRO B 357 -2.70 -8.92 -21.45
CA PRO B 357 -3.04 -7.57 -21.01
C PRO B 357 -3.70 -6.73 -22.09
N GLY B 358 -3.29 -6.91 -23.34
CA GLY B 358 -3.95 -6.24 -24.47
C GLY B 358 -5.40 -6.67 -24.70
N VAL B 359 -5.73 -7.91 -24.39
CA VAL B 359 -7.11 -8.38 -24.52
C VAL B 359 -7.95 -7.79 -23.39
N ILE B 360 -7.36 -7.79 -22.17
CA ILE B 360 -7.99 -7.11 -21.04
C ILE B 360 -8.40 -5.69 -21.38
N VAL B 361 -7.50 -4.90 -21.96
CA VAL B 361 -7.80 -3.49 -22.19
C VAL B 361 -8.90 -3.30 -23.23
N ARG B 362 -8.98 -4.20 -24.21
CA ARG B 362 -10.10 -4.19 -25.15
C ARG B 362 -11.40 -4.62 -24.49
N ASP B 363 -11.38 -5.73 -23.77
CA ASP B 363 -12.60 -6.24 -23.15
C ASP B 363 -13.22 -5.32 -22.11
N LEU B 364 -12.38 -4.63 -21.31
CA LEU B 364 -12.83 -3.73 -20.28
C LEU B 364 -12.85 -2.26 -20.71
N ASP B 365 -12.54 -2.02 -21.98
CA ASP B 365 -12.67 -0.69 -22.60
C ASP B 365 -11.83 0.31 -21.82
N LEU B 366 -10.59 -0.06 -21.53
CA LEU B 366 -9.75 0.72 -20.58
C LEU B 366 -9.07 1.94 -21.15
N LYS B 367 -9.24 2.23 -22.44
CA LYS B 367 -8.78 3.52 -22.95
C LYS B 367 -9.74 4.69 -22.67
N LYS B 368 -10.92 4.43 -22.11
CA LYS B 368 -11.88 5.48 -21.88
C LYS B 368 -11.48 6.27 -20.65
N PRO B 369 -11.72 7.58 -20.66
CA PRO B 369 -11.35 8.44 -19.52
C PRO B 369 -12.36 8.37 -18.37
N ILE B 370 -12.38 7.24 -17.67
CA ILE B 370 -13.29 7.04 -16.51
C ILE B 370 -12.52 6.91 -15.20
N TYR B 371 -11.22 7.22 -15.24
CA TYR B 371 -10.38 6.89 -14.10
C TYR B 371 -10.61 7.80 -12.88
N GLN B 372 -10.94 9.07 -13.09
CA GLN B 372 -11.15 9.98 -11.98
C GLN B 372 -12.23 9.46 -11.03
N ARG B 373 -13.25 8.86 -11.61
CA ARG B 373 -14.32 8.24 -10.83
C ARG B 373 -13.86 7.06 -9.96
N THR B 374 -12.78 6.36 -10.35
CA THR B 374 -12.27 5.26 -9.54
C THR B 374 -11.55 5.72 -8.28
N ALA B 375 -11.19 7.00 -8.22
CA ALA B 375 -10.14 7.45 -7.29
C ALA B 375 -10.60 7.85 -5.93
N ALA B 376 -11.91 7.76 -5.68
CA ALA B 376 -12.48 7.83 -4.35
C ALA B 376 -13.59 6.78 -4.25
N TYR B 377 -13.83 6.29 -3.04
CA TYR B 377 -14.86 5.29 -2.70
C TYR B 377 -14.63 3.88 -3.20
N GLY B 378 -13.40 3.61 -3.62
CA GLY B 378 -12.96 2.25 -3.88
C GLY B 378 -13.00 1.96 -5.36
N HIS B 379 -12.05 1.17 -5.84
CA HIS B 379 -12.02 0.77 -7.24
C HIS B 379 -12.95 -0.40 -7.49
N PHE B 380 -13.25 -1.12 -6.42
CA PHE B 380 -14.02 -2.38 -6.44
C PHE B 380 -15.26 -2.28 -5.62
N GLY B 381 -16.33 -2.86 -6.16
CA GLY B 381 -17.63 -2.87 -5.54
C GLY B 381 -18.60 -1.86 -6.08
N ARG B 382 -18.17 -1.06 -7.04
N ARG B 382 -18.18 -1.05 -7.05
CA ARG B 382 -18.93 0.07 -7.52
CA ARG B 382 -19.04 0.02 -7.56
C ARG B 382 -19.76 -0.35 -8.68
C ARG B 382 -19.87 -0.48 -8.74
N ASP B 383 -20.83 0.41 -8.86
N ASP B 383 -21.13 -0.11 -8.94
CA ASP B 383 -21.89 0.04 -9.78
CA ASP B 383 -21.79 -0.65 -10.14
C ASP B 383 -21.71 0.51 -11.21
C ASP B 383 -21.70 0.36 -11.28
N SER B 384 -20.50 0.87 -11.59
CA SER B 384 -20.31 1.70 -12.77
C SER B 384 -19.11 1.40 -13.60
N PHE B 385 -18.40 0.30 -13.38
CA PHE B 385 -17.18 0.03 -14.17
C PHE B 385 -17.27 -1.34 -14.84
N PRO B 386 -16.61 -1.52 -16.03
CA PRO B 386 -16.71 -2.81 -16.75
C PRO B 386 -16.21 -4.05 -15.98
N TRP B 387 -15.25 -3.84 -15.09
CA TRP B 387 -14.71 -4.94 -14.29
C TRP B 387 -15.64 -5.37 -13.16
N GLU B 388 -16.70 -4.59 -12.91
CA GLU B 388 -17.69 -4.90 -11.90
C GLU B 388 -18.96 -5.52 -12.53
N VAL B 389 -18.94 -5.70 -13.85
CA VAL B 389 -20.03 -6.34 -14.58
C VAL B 389 -19.61 -7.81 -14.76
N PRO B 390 -20.31 -8.73 -14.08
CA PRO B 390 -19.89 -10.15 -14.22
C PRO B 390 -19.98 -10.64 -15.67
N LYS B 391 -19.05 -11.50 -16.06
CA LYS B 391 -19.19 -12.27 -17.29
C LYS B 391 -20.02 -13.55 -17.05
N LYS B 392 -21.00 -13.80 -17.92
CA LYS B 392 -21.76 -15.06 -17.89
C LYS B 392 -20.81 -16.15 -18.33
N LEU B 393 -20.62 -17.15 -17.50
CA LEU B 393 -19.65 -18.20 -17.74
C LEU B 393 -20.28 -19.43 -18.45
N LYS B 394 -19.55 -20.05 -19.37
CA LYS B 394 -19.99 -21.31 -19.98
C LYS B 394 -19.14 -22.45 -19.41
N TYR B 395 -19.81 -23.51 -18.95
CA TYR B 395 -19.21 -24.68 -18.38
C TYR B 395 -20.32 -25.76 -18.29
O1 PG4 C . -1.41 -14.96 2.04
C1 PG4 C . -1.91 -14.19 0.91
C2 PG4 C . -1.54 -14.89 -0.37
O2 PG4 C . -2.30 -16.09 -0.51
C3 PG4 C . -1.76 -17.03 -1.47
C4 PG4 C . -0.97 -18.21 -0.81
O3 PG4 C . -1.72 -19.39 -0.91
C5 PG4 C . -1.57 -20.62 -0.16
C6 PG4 C . -2.56 -20.63 0.97
O4 PG4 C . -3.90 -20.37 0.50
C7 PG4 C . -4.75 -19.97 1.59
C8 PG4 C . -4.56 -18.47 1.84
O5 PG4 C . -5.33 -17.61 0.98
C ACT D . 16.92 -17.99 4.07
O ACT D . 16.08 -18.48 4.90
OXT ACT D . 17.49 -16.85 4.24
CH3 ACT D . 17.24 -18.81 2.86
C1 EDO E . 24.79 -19.81 -0.17
O1 EDO E . 25.84 -20.79 -0.08
C2 EDO E . 23.48 -20.30 0.43
O2 EDO E . 23.00 -19.42 1.46
K K F . -0.12 -33.22 2.76
MG MG G . -2.29 5.80 7.13
C1 EDO H . 16.32 14.71 26.13
O1 EDO H . 16.01 15.57 25.00
C2 EDO H . 16.79 13.31 25.73
O2 EDO H . 18.14 13.31 25.23
C1 EDO I . -3.25 -29.89 -0.65
O1 EDO I . -2.34 -30.57 -1.53
C2 EDO I . -4.68 -29.90 -1.23
O2 EDO I . -5.27 -28.59 -1.26
O1G PPK J . 0.65 5.67 5.33
PG PPK J . -0.68 6.30 5.23
O2G PPK J . -0.81 7.48 4.09
O3G PPK J . -1.97 5.38 5.28
N3B PPK J . -0.63 7.11 6.84
PB PPK J . -0.80 8.80 7.14
O1B PPK J . -0.27 9.70 5.99
O2B PPK J . -0.17 9.32 8.38
O3A PPK J . -2.36 9.14 7.44
PA PPK J . -3.59 8.64 6.52
O1A PPK J . -3.16 8.98 5.11
O2A PPK J . -4.71 9.41 7.15
O4A PPK J . -3.77 7.26 6.71
MG MG K . -1.40 9.23 4.27
O1 PG4 L . -11.37 -20.09 5.76
C1 PG4 L . -12.34 -19.18 6.33
C2 PG4 L . -11.56 -18.02 6.93
O2 PG4 L . -12.38 -17.08 7.64
C3 PG4 L . -12.15 -15.74 7.22
C4 PG4 L . -11.14 -15.01 8.08
O3 PG4 L . -10.35 -14.20 7.18
C5 PG4 L . -8.97 -14.49 7.32
C6 PG4 L . -8.05 -14.17 6.18
O4 PG4 L . -7.09 -15.22 6.06
C7 PG4 L . -7.45 -16.35 5.25
C8 PG4 L . -6.27 -16.70 4.35
O5 PG4 L . -6.45 -16.58 2.91
O5' ADN M . -3.44 12.68 10.16
C5' ADN M . -3.94 11.76 9.18
C4' ADN M . -5.37 12.03 8.66
O4' ADN M . -6.22 12.05 9.81
C3' ADN M . -5.64 13.26 7.85
O3' ADN M . -5.42 13.13 6.45
C2' ADN M . -7.09 13.54 8.21
O2' ADN M . -7.98 12.80 7.41
C1' ADN M . -7.23 13.02 9.62
N9 ADN M . -7.12 14.13 10.60
C8 ADN M . -6.44 15.31 10.49
N7 ADN M . -6.63 16.04 11.60
C5 ADN M . -7.42 15.35 12.44
C6 ADN M . -8.01 15.55 13.77
N6 ADN M . -7.77 16.69 14.48
N1 ADN M . -8.80 14.56 14.23
C2 ADN M . -9.06 13.42 13.57
N3 ADN M . -8.53 13.19 12.36
C4 ADN M . -7.73 14.08 11.78
K K N . 1.00 12.01 5.43
#